data_4DIE
#
_entry.id   4DIE
#
_cell.length_a   70.760
_cell.length_b   96.520
_cell.length_c   78.790
_cell.angle_alpha   90.000
_cell.angle_beta   97.220
_cell.angle_gamma   90.000
#
_symmetry.space_group_name_H-M   'P 1 21 1'
#
loop_
_entity.id
_entity.type
_entity.pdbx_description
1 polymer 'Cytidylate kinase'
2 non-polymer "CYTIDINE-5'-MONOPHOSPHATE"
3 non-polymer 'PHOSPHATE ION'
4 water water
#
_entity_poly.entity_id   1
_entity_poly.type   'polypeptide(L)'
_entity_poly.pdbx_seq_one_letter_code
;GPGSMVVAVDGPSGTGKSSVAKELARQLGASYLDTGAMYRIVTLWVLRAGVDLTDPAAIAAATDQVPMSVSSDPDAQTAL
LAGEDVSVPIRGNEVTGAVSAVSAVPAVRERLVRQQRELAESSGAVVVEGRDIGTVVLPDADVKIYLTASAQARAQRRNA
QNVSGGGDDEYEKVLADVQRRDHLDSTRAVSPLRPAEDALEVDTSDMTQEQVVAHLLDLVRTRAGASR
;
_entity_poly.pdbx_strand_id   A,B,C,D
#
# COMPACT_ATOMS: atom_id res chain seq x y z
N SER A 4 10.86 -46.30 1.82
CA SER A 4 12.17 -45.80 1.29
C SER A 4 12.45 -44.40 1.81
N MET A 5 13.72 -43.96 1.82
CA MET A 5 14.13 -42.83 2.67
C MET A 5 14.02 -41.41 2.06
N VAL A 6 13.29 -40.56 2.78
CA VAL A 6 13.02 -39.21 2.34
C VAL A 6 13.60 -38.30 3.40
N VAL A 7 14.56 -37.47 3.00
CA VAL A 7 15.17 -36.49 3.87
C VAL A 7 14.78 -35.11 3.40
N ALA A 8 14.07 -34.37 4.27
CA ALA A 8 13.69 -32.99 4.02
C ALA A 8 14.71 -32.02 4.62
N VAL A 9 15.24 -31.07 3.85
CA VAL A 9 16.16 -30.06 4.38
C VAL A 9 15.65 -28.63 4.16
N ASP A 10 15.30 -27.98 5.27
CA ASP A 10 14.75 -26.63 5.25
C ASP A 10 15.62 -25.62 5.99
N GLY A 11 15.36 -24.34 5.78
CA GLY A 11 16.09 -23.29 6.48
C GLY A 11 16.16 -22.03 5.66
N PRO A 12 16.69 -20.97 6.25
CA PRO A 12 16.74 -19.72 5.51
C PRO A 12 17.88 -19.76 4.54
N SER A 13 18.05 -18.68 3.80
CA SER A 13 19.11 -18.59 2.81
C SER A 13 20.43 -18.15 3.40
N GLY A 14 21.47 -18.39 2.64
CA GLY A 14 22.81 -17.92 2.99
C GLY A 14 23.61 -18.82 3.90
N THR A 15 23.12 -20.04 4.17
CA THR A 15 23.85 -20.99 5.00
C THR A 15 24.59 -22.05 4.18
N GLY A 16 24.43 -22.01 2.86
CA GLY A 16 25.01 -23.06 2.04
C GLY A 16 24.14 -24.30 1.96
N LYS A 17 22.88 -24.16 2.40
CA LYS A 17 21.89 -25.21 2.38
C LYS A 17 21.91 -26.04 1.10
N SER A 18 21.90 -25.37 -0.05
CA SER A 18 21.80 -26.10 -1.31
C SER A 18 23.01 -26.97 -1.59
N SER A 19 24.21 -26.44 -1.36
CA SER A 19 25.42 -27.25 -1.56
C SER A 19 25.48 -28.45 -0.59
N VAL A 20 25.08 -28.22 0.65
CA VAL A 20 25.08 -29.25 1.65
C VAL A 20 24.07 -30.35 1.30
N ALA A 21 22.88 -29.97 0.87
CA ALA A 21 21.85 -30.94 0.46
C ALA A 21 22.28 -31.76 -0.74
N LYS A 22 22.82 -31.10 -1.75
CA LYS A 22 23.44 -31.81 -2.89
C LYS A 22 24.42 -32.89 -2.41
N GLU A 23 25.35 -32.50 -1.54
CA GLU A 23 26.44 -33.38 -1.17
C GLU A 23 25.95 -34.48 -0.25
N LEU A 24 25.02 -34.15 0.64
CA LEU A 24 24.29 -35.18 1.41
C LEU A 24 23.62 -36.23 0.48
N ALA A 25 23.01 -35.78 -0.60
CA ALA A 25 22.37 -36.70 -1.55
C ALA A 25 23.40 -37.65 -2.16
N ARG A 26 24.49 -37.10 -2.69
CA ARG A 26 25.58 -37.91 -3.23
C ARG A 26 26.02 -38.97 -2.22
N GLN A 27 26.23 -38.58 -0.97
CA GLN A 27 26.76 -39.49 0.03
C GLN A 27 25.76 -40.57 0.43
N LEU A 28 24.46 -40.26 0.40
CA LEU A 28 23.45 -41.27 0.67
C LEU A 28 23.11 -42.08 -0.58
N GLY A 29 23.82 -41.84 -1.67
CA GLY A 29 23.45 -42.38 -2.96
C GLY A 29 22.03 -42.05 -3.37
N ALA A 30 21.49 -40.94 -2.86
CA ALA A 30 20.09 -40.59 -3.04
C ALA A 30 19.92 -39.58 -4.17
N SER A 31 18.66 -39.29 -4.48
CA SER A 31 18.30 -38.26 -5.43
C SER A 31 18.21 -36.92 -4.72
N TYR A 32 18.20 -35.85 -5.51
CA TYR A 32 18.16 -34.48 -5.00
C TYR A 32 17.12 -33.64 -5.71
N LEU A 33 16.35 -32.91 -4.92
CA LEU A 33 15.33 -32.03 -5.46
C LEU A 33 15.44 -30.59 -4.93
N ASP A 34 15.79 -29.65 -5.81
CA ASP A 34 15.95 -28.21 -5.46
C ASP A 34 14.63 -27.46 -5.71
N THR A 35 13.81 -27.33 -4.65
CA THR A 35 12.48 -26.76 -4.82
C THR A 35 12.50 -25.26 -5.08
N GLY A 36 13.46 -24.54 -4.51
CA GLY A 36 13.59 -23.12 -4.79
C GLY A 36 13.78 -22.86 -6.27
N ALA A 37 14.42 -23.80 -6.96
CA ALA A 37 14.67 -23.62 -8.36
C ALA A 37 13.36 -23.68 -9.08
N MET A 38 12.43 -24.48 -8.58
CA MET A 38 11.13 -24.61 -9.26
C MET A 38 10.34 -23.29 -9.20
N TYR A 39 10.34 -22.66 -8.03
CA TYR A 39 9.73 -21.35 -7.87
C TYR A 39 10.42 -20.33 -8.76
N ARG A 40 11.73 -20.42 -8.86
CA ARG A 40 12.49 -19.47 -9.69
C ARG A 40 12.16 -19.63 -11.16
N ILE A 41 11.93 -20.88 -11.59
CA ILE A 41 11.62 -21.13 -12.99
C ILE A 41 10.30 -20.48 -13.32
N VAL A 42 9.29 -20.69 -12.46
CA VAL A 42 7.99 -20.12 -12.71
C VAL A 42 8.13 -18.61 -12.74
N THR A 43 8.93 -18.08 -11.83
CA THR A 43 9.10 -16.64 -11.75
C THR A 43 9.67 -16.10 -13.06
N LEU A 44 10.67 -16.77 -13.61
CA LEU A 44 11.26 -16.36 -14.88
C LEU A 44 10.19 -16.33 -15.99
N TRP A 45 9.37 -17.36 -15.99
CA TRP A 45 8.24 -17.48 -16.93
C TRP A 45 7.29 -16.30 -16.80
N VAL A 46 6.91 -15.97 -15.58
CA VAL A 46 6.01 -14.83 -15.33
C VAL A 46 6.65 -13.52 -15.80
N LEU A 47 7.87 -13.27 -15.38
CA LEU A 47 8.59 -12.07 -15.80
C LEU A 47 8.64 -11.92 -17.32
N ARG A 48 8.91 -13.00 -18.04
CA ARG A 48 9.01 -12.93 -19.50
C ARG A 48 7.69 -12.71 -20.21
N ALA A 49 6.58 -13.10 -19.58
CA ALA A 49 5.25 -12.80 -20.13
C ALA A 49 4.85 -11.37 -19.78
N GLY A 50 5.52 -10.75 -18.82
CA GLY A 50 5.27 -9.34 -18.53
C GLY A 50 4.00 -9.15 -17.74
N VAL A 51 3.63 -10.18 -17.01
CA VAL A 51 2.45 -10.16 -16.15
C VAL A 51 2.65 -9.21 -14.98
N ASP A 52 1.61 -8.51 -14.61
CA ASP A 52 1.66 -7.56 -13.52
C ASP A 52 1.87 -8.30 -12.21
N LEU A 53 2.99 -8.07 -11.56
CA LEU A 53 3.32 -8.81 -10.33
C LEU A 53 2.46 -8.39 -9.12
N THR A 54 1.73 -7.28 -9.20
CA THR A 54 0.83 -6.89 -8.11
C THR A 54 -0.54 -7.57 -8.21
N ASP A 55 -0.71 -8.45 -9.18
CA ASP A 55 -2.03 -9.04 -9.48
C ASP A 55 -1.98 -10.59 -9.40
N PRO A 56 -2.36 -11.13 -8.24
CA PRO A 56 -2.29 -12.57 -8.05
C PRO A 56 -3.10 -13.35 -9.06
N ALA A 57 -4.28 -12.85 -9.40
CA ALA A 57 -5.11 -13.54 -10.38
C ALA A 57 -4.40 -13.61 -11.72
N ALA A 58 -3.65 -12.57 -12.07
CA ALA A 58 -2.92 -12.53 -13.36
C ALA A 58 -1.74 -13.53 -13.35
N ILE A 59 -1.07 -13.64 -12.22
CA ILE A 59 0.00 -14.61 -12.02
C ILE A 59 -0.55 -16.04 -12.08
N ALA A 60 -1.65 -16.29 -11.38
CA ALA A 60 -2.32 -17.60 -11.48
C ALA A 60 -2.67 -17.93 -12.93
N ALA A 61 -3.34 -17.00 -13.62
CA ALA A 61 -3.75 -17.23 -15.00
C ALA A 61 -2.56 -17.49 -15.90
N ALA A 62 -1.47 -16.74 -15.72
CA ALA A 62 -0.28 -16.89 -16.58
C ALA A 62 0.60 -18.11 -16.26
N THR A 63 0.27 -18.89 -15.22
CA THR A 63 1.11 -20.02 -14.79
C THR A 63 0.35 -21.35 -14.75
N ASP A 64 -0.77 -21.42 -15.48
CA ASP A 64 -1.51 -22.66 -15.68
C ASP A 64 -0.71 -23.82 -16.30
N GLN A 65 0.17 -23.50 -17.25
CA GLN A 65 0.84 -24.52 -18.06
C GLN A 65 2.30 -24.15 -18.28
N VAL A 66 3.04 -24.07 -17.18
CA VAL A 66 4.46 -23.73 -17.24
C VAL A 66 5.24 -24.94 -17.74
N PRO A 67 5.87 -24.84 -18.91
CA PRO A 67 6.61 -25.96 -19.52
C PRO A 67 7.98 -26.17 -18.88
N MET A 68 7.95 -26.83 -17.73
CA MET A 68 9.13 -26.87 -16.87
C MET A 68 9.62 -28.28 -16.61
N SER A 69 10.94 -28.40 -16.47
CA SER A 69 11.57 -29.68 -16.18
C SER A 69 12.76 -29.42 -15.28
N VAL A 70 12.95 -30.27 -14.27
CA VAL A 70 14.12 -30.22 -13.42
C VAL A 70 14.57 -31.66 -13.14
N SER A 71 15.88 -31.87 -13.00
CA SER A 71 16.45 -33.18 -12.70
C SER A 71 16.48 -33.46 -11.19
N SER A 72 16.46 -34.74 -10.83
CA SER A 72 16.60 -35.18 -9.44
C SER A 72 17.97 -35.82 -9.20
N ASP A 73 18.84 -35.72 -10.19
CA ASP A 73 20.19 -36.19 -10.11
C ASP A 73 21.08 -35.05 -9.61
N PRO A 74 21.67 -35.22 -8.42
CA PRO A 74 22.49 -34.14 -7.82
C PRO A 74 23.71 -33.73 -8.63
N ASP A 75 24.16 -34.62 -9.52
CA ASP A 75 25.28 -34.32 -10.39
C ASP A 75 24.88 -33.71 -11.73
N ALA A 76 23.59 -33.68 -12.04
CA ALA A 76 23.13 -33.22 -13.36
C ALA A 76 21.94 -32.26 -13.27
N GLN A 77 22.07 -31.26 -12.40
CA GLN A 77 21.01 -30.29 -12.20
C GLN A 77 20.93 -29.32 -13.37
N THR A 78 19.80 -29.30 -14.05
CA THR A 78 19.54 -28.37 -15.14
C THR A 78 18.13 -27.95 -14.99
N ALA A 79 17.87 -26.75 -15.44
CA ALA A 79 16.60 -26.09 -15.24
C ALA A 79 16.17 -25.78 -16.64
N LEU A 80 15.17 -26.50 -17.13
CA LEU A 80 14.67 -26.31 -18.47
C LEU A 80 13.31 -25.67 -18.44
N LEU A 81 13.11 -24.69 -19.32
CA LEU A 81 11.81 -24.05 -19.50
C LEU A 81 11.58 -23.92 -20.99
N ALA A 82 10.47 -24.50 -21.49
CA ALA A 82 10.18 -24.52 -22.92
C ALA A 82 11.39 -25.01 -23.72
N GLY A 83 12.09 -26.01 -23.19
CA GLY A 83 13.28 -26.56 -23.86
C GLY A 83 14.56 -25.76 -23.74
N GLU A 84 14.48 -24.55 -23.17
CA GLU A 84 15.65 -23.70 -22.98
C GLU A 84 16.34 -24.02 -21.63
N ASP A 85 17.66 -24.11 -21.65
CA ASP A 85 18.44 -24.23 -20.41
C ASP A 85 18.48 -22.86 -19.74
N VAL A 86 17.77 -22.72 -18.61
CA VAL A 86 17.63 -21.43 -17.94
C VAL A 86 18.31 -21.44 -16.58
N SER A 87 19.29 -22.33 -16.39
CA SER A 87 20.08 -22.42 -15.14
C SER A 87 20.74 -21.10 -14.71
N VAL A 88 21.24 -20.34 -15.69
CA VAL A 88 21.85 -19.05 -15.44
C VAL A 88 20.75 -18.01 -15.09
N PRO A 89 19.83 -17.72 -16.01
CA PRO A 89 18.88 -16.63 -15.71
C PRO A 89 18.04 -16.82 -14.45
N ILE A 90 17.69 -18.06 -14.07
CA ILE A 90 16.90 -18.27 -12.86
C ILE A 90 17.64 -17.90 -11.56
N ARG A 91 18.95 -17.68 -11.65
CA ARG A 91 19.73 -17.21 -10.50
C ARG A 91 20.01 -15.72 -10.53
N GLY A 92 19.58 -15.05 -11.58
CA GLY A 92 19.80 -13.60 -11.69
C GLY A 92 18.96 -12.74 -10.74
N ASN A 93 19.39 -11.50 -10.56
CA ASN A 93 18.75 -10.62 -9.61
C ASN A 93 17.29 -10.34 -9.98
N GLU A 94 16.98 -10.32 -11.27
CA GLU A 94 15.60 -10.06 -11.70
C GLU A 94 14.69 -11.08 -11.07
N VAL A 95 15.05 -12.34 -11.21
CA VAL A 95 14.25 -13.42 -10.69
C VAL A 95 14.30 -13.38 -9.15
N THR A 96 15.46 -13.06 -8.58
CA THR A 96 15.57 -13.03 -7.14
C THR A 96 14.63 -11.98 -6.59
N GLY A 97 14.60 -10.80 -7.19
CA GLY A 97 13.66 -9.76 -6.78
C GLY A 97 12.19 -10.12 -6.97
N ALA A 98 11.89 -10.93 -7.98
CA ALA A 98 10.46 -11.23 -8.31
C ALA A 98 9.91 -12.47 -7.63
N VAL A 99 10.78 -13.37 -7.17
CA VAL A 99 10.36 -14.72 -6.80
C VAL A 99 9.36 -14.76 -5.66
N SER A 100 9.49 -13.86 -4.71
CA SER A 100 8.52 -13.83 -3.61
C SER A 100 7.14 -13.32 -4.02
N ALA A 101 7.06 -12.48 -5.04
CA ALA A 101 5.75 -12.08 -5.53
C ALA A 101 5.04 -13.32 -6.05
N VAL A 102 5.73 -14.10 -6.86
CA VAL A 102 5.14 -15.27 -7.52
C VAL A 102 4.89 -16.42 -6.52
N SER A 103 5.85 -16.64 -5.62
CA SER A 103 5.71 -17.65 -4.57
C SER A 103 4.52 -17.46 -3.63
N ALA A 104 4.08 -16.22 -3.48
CA ALA A 104 3.02 -15.90 -2.52
C ALA A 104 1.63 -16.22 -3.10
N VAL A 105 1.56 -16.47 -4.41
CA VAL A 105 0.28 -16.77 -5.05
C VAL A 105 -0.10 -18.21 -4.76
N PRO A 106 -1.21 -18.43 -4.05
CA PRO A 106 -1.65 -19.78 -3.64
C PRO A 106 -1.76 -20.75 -4.82
N ALA A 107 -2.36 -20.29 -5.91
CA ALA A 107 -2.47 -21.16 -7.09
C ALA A 107 -1.11 -21.72 -7.50
N VAL A 108 -0.08 -20.87 -7.44
CA VAL A 108 1.27 -21.28 -7.83
C VAL A 108 1.80 -22.33 -6.86
N ARG A 109 1.68 -22.09 -5.56
CA ARG A 109 2.18 -23.06 -4.58
C ARG A 109 1.48 -24.41 -4.74
N GLU A 110 0.17 -24.36 -4.92
CA GLU A 110 -0.64 -25.54 -5.01
C GLU A 110 -0.05 -26.49 -6.06
N ARG A 111 0.30 -25.94 -7.23
CA ARG A 111 0.85 -26.74 -8.30
C ARG A 111 2.25 -27.26 -7.96
N LEU A 112 3.13 -26.40 -7.45
CA LEU A 112 4.50 -26.81 -7.23
C LEU A 112 4.59 -27.82 -6.10
N VAL A 113 3.76 -27.66 -5.08
CA VAL A 113 3.73 -28.62 -3.97
C VAL A 113 3.29 -29.99 -4.47
N ARG A 114 2.30 -30.01 -5.36
CA ARG A 114 1.90 -31.24 -6.03
C ARG A 114 3.05 -31.81 -6.87
N GLN A 115 3.69 -30.98 -7.69
CA GLN A 115 4.80 -31.45 -8.53
C GLN A 115 5.92 -31.98 -7.63
N GLN A 116 6.12 -31.30 -6.50
CA GLN A 116 7.18 -31.69 -5.58
C GLN A 116 6.92 -33.05 -4.92
N ARG A 117 5.69 -33.28 -4.48
CA ARG A 117 5.31 -34.57 -3.95
C ARG A 117 5.50 -35.70 -4.97
N GLU A 118 5.12 -35.46 -6.22
CA GLU A 118 5.18 -36.52 -7.23
C GLU A 118 6.62 -36.90 -7.58
N LEU A 119 7.45 -35.87 -7.77
CA LEU A 119 8.88 -36.11 -8.00
C LEU A 119 9.49 -36.86 -6.83
N ALA A 120 9.08 -36.53 -5.59
CA ALA A 120 9.62 -37.19 -4.43
C ALA A 120 9.22 -38.67 -4.39
N GLU A 121 7.94 -38.97 -4.57
CA GLU A 121 7.47 -40.38 -4.58
C GLU A 121 8.17 -41.20 -5.66
N SER A 122 8.40 -40.63 -6.83
CA SER A 122 9.01 -41.39 -7.95
C SER A 122 10.54 -41.42 -7.93
N SER A 123 11.17 -40.81 -6.93
CA SER A 123 12.64 -40.73 -6.87
C SER A 123 13.26 -41.73 -5.90
N GLY A 124 12.43 -42.53 -5.23
CA GLY A 124 12.94 -43.45 -4.21
C GLY A 124 13.66 -42.73 -3.09
N ALA A 125 14.91 -43.11 -2.82
CA ALA A 125 15.75 -42.44 -1.85
C ALA A 125 16.04 -41.01 -2.30
N VAL A 126 15.60 -40.01 -1.53
CA VAL A 126 15.66 -38.62 -1.99
C VAL A 126 15.88 -37.59 -0.90
N VAL A 127 16.72 -36.62 -1.17
CA VAL A 127 16.86 -35.46 -0.32
C VAL A 127 16.14 -34.30 -1.02
N VAL A 128 15.15 -33.72 -0.34
CA VAL A 128 14.35 -32.64 -0.93
C VAL A 128 14.58 -31.38 -0.15
N GLU A 129 15.06 -30.34 -0.84
CA GLU A 129 15.48 -29.10 -0.20
C GLU A 129 14.49 -27.94 -0.42
N GLY A 130 14.30 -27.11 0.61
CA GLY A 130 13.51 -25.90 0.45
C GLY A 130 13.32 -25.10 1.74
N ARG A 131 12.08 -24.66 1.98
CA ARG A 131 11.71 -23.93 3.20
C ARG A 131 10.53 -24.54 3.96
N ASP A 132 9.59 -25.18 3.26
CA ASP A 132 8.43 -25.77 3.91
C ASP A 132 8.33 -27.27 3.64
N ILE A 133 9.47 -27.89 3.34
CA ILE A 133 9.45 -29.30 2.96
C ILE A 133 8.98 -30.16 4.13
N GLY A 134 9.59 -29.98 5.29
CA GLY A 134 9.27 -30.77 6.47
C GLY A 134 7.93 -30.43 7.11
N THR A 135 7.41 -29.26 6.83
CA THR A 135 6.18 -28.81 7.46
C THR A 135 4.97 -29.03 6.53
N VAL A 136 5.10 -28.63 5.26
CA VAL A 136 3.97 -28.66 4.32
C VAL A 136 4.10 -29.72 3.21
N VAL A 137 5.19 -29.73 2.48
CA VAL A 137 5.28 -30.57 1.31
C VAL A 137 5.38 -32.06 1.67
N LEU A 138 6.36 -32.42 2.50
CA LEU A 138 6.57 -33.82 2.87
C LEU A 138 6.53 -33.98 4.40
N PRO A 139 5.35 -33.84 5.00
CA PRO A 139 5.29 -33.86 6.45
C PRO A 139 5.57 -35.22 7.09
N ASP A 140 5.59 -36.28 6.27
CA ASP A 140 5.93 -37.61 6.74
C ASP A 140 7.30 -38.03 6.23
N ALA A 141 8.20 -37.07 6.03
CA ALA A 141 9.58 -37.40 5.73
C ALA A 141 10.13 -38.26 6.87
N ASP A 142 11.12 -39.08 6.55
CA ASP A 142 11.74 -39.95 7.54
C ASP A 142 12.63 -39.13 8.45
N VAL A 143 13.46 -38.28 7.85
CA VAL A 143 14.31 -37.35 8.59
C VAL A 143 14.04 -35.93 8.14
N LYS A 144 13.90 -35.02 9.09
CA LYS A 144 13.66 -33.62 8.79
C LYS A 144 14.77 -32.80 9.42
N ILE A 145 15.42 -31.95 8.62
CA ILE A 145 16.55 -31.14 9.04
C ILE A 145 16.31 -29.66 8.82
N TYR A 146 16.56 -28.86 9.84
CA TYR A 146 16.42 -27.43 9.72
C TYR A 146 17.79 -26.80 9.87
N LEU A 147 18.38 -26.38 8.75
CA LEU A 147 19.70 -25.75 8.78
C LEU A 147 19.56 -24.27 9.12
N THR A 148 20.24 -23.82 10.15
CA THR A 148 20.17 -22.43 10.52
C THR A 148 21.54 -21.84 10.80
N ALA A 149 21.57 -20.54 11.02
CA ALA A 149 22.81 -19.83 11.32
C ALA A 149 22.49 -18.43 11.81
N SER A 150 23.42 -17.85 12.56
CA SER A 150 23.23 -16.50 13.04
C SER A 150 23.13 -15.52 11.88
N ALA A 151 22.60 -14.33 12.17
CA ALA A 151 22.55 -13.25 11.20
C ALA A 151 23.96 -12.92 10.71
N GLN A 152 24.88 -12.92 11.66
CA GLN A 152 26.24 -12.50 11.40
C GLN A 152 26.86 -13.50 10.42
N ALA A 153 26.78 -14.78 10.75
CA ALA A 153 27.34 -15.82 9.91
C ALA A 153 26.77 -15.70 8.51
N ARG A 154 25.46 -15.56 8.41
CA ARG A 154 24.81 -15.46 7.11
C ARG A 154 25.25 -14.23 6.32
N ALA A 155 25.39 -13.12 7.03
CA ALA A 155 25.84 -11.88 6.40
C ALA A 155 27.24 -12.03 5.78
N GLN A 156 28.17 -12.65 6.51
CA GLN A 156 29.54 -12.80 6.01
C GLN A 156 29.60 -13.66 4.75
N ARG A 157 28.78 -14.71 4.69
CA ARG A 157 28.70 -15.57 3.49
C ARG A 157 28.14 -14.83 2.25
N ARG A 158 27.42 -13.73 2.45
CA ARG A 158 26.86 -12.96 1.36
C ARG A 158 27.91 -11.89 0.97
N ASN A 159 28.32 -11.03 1.90
CA ASN A 159 29.25 -9.92 1.55
C ASN A 159 30.52 -10.43 0.90
N ALA A 160 30.83 -11.71 1.12
CA ALA A 160 31.97 -12.38 0.47
C ALA A 160 31.58 -13.01 -0.87
N GLN A 161 30.34 -13.47 -0.97
CA GLN A 161 29.82 -13.88 -2.29
C GLN A 161 30.19 -12.78 -3.28
N ASN A 162 29.81 -11.54 -2.93
CA ASN A 162 30.43 -10.34 -3.50
C ASN A 162 31.86 -10.08 -2.94
N VAL A 174 24.47 -5.40 4.35
CA VAL A 174 24.19 -6.85 4.19
C VAL A 174 23.67 -7.45 5.50
N LEU A 175 24.48 -7.37 6.57
CA LEU A 175 24.02 -7.70 7.94
C LEU A 175 22.79 -6.90 8.34
N ALA A 176 22.62 -5.74 7.70
CA ALA A 176 21.40 -4.96 7.82
C ALA A 176 20.31 -5.57 6.97
N ASP A 177 20.59 -5.78 5.69
CA ASP A 177 19.65 -6.44 4.76
C ASP A 177 19.23 -7.81 5.34
N VAL A 178 20.21 -8.66 5.69
CA VAL A 178 19.90 -10.01 6.23
C VAL A 178 19.11 -9.95 7.54
N GLN A 179 19.46 -9.03 8.44
CA GLN A 179 18.71 -8.86 9.70
C GLN A 179 17.30 -8.35 9.47
N ARG A 180 17.12 -7.54 8.43
CA ARG A 180 15.79 -7.00 8.09
C ARG A 180 14.90 -8.15 7.64
N ARG A 181 15.34 -8.90 6.63
CA ARG A 181 14.56 -10.00 6.07
C ARG A 181 14.12 -11.03 7.13
N ASP A 182 14.90 -11.20 8.19
CA ASP A 182 14.52 -12.08 9.30
C ASP A 182 13.23 -11.61 10.01
N HIS A 183 13.09 -10.30 10.17
CA HIS A 183 11.95 -9.72 10.88
C HIS A 183 10.70 -9.77 10.02
N LEU A 184 10.84 -9.48 8.73
CA LEU A 184 9.70 -9.50 7.81
C LEU A 184 9.17 -10.93 7.60
N ASP A 185 10.08 -11.91 7.51
CA ASP A 185 9.72 -13.33 7.43
C ASP A 185 8.97 -13.82 8.70
N SER A 186 9.40 -13.35 9.87
CA SER A 186 8.77 -13.72 11.14
C SER A 186 7.34 -13.17 11.24
N THR A 187 7.12 -11.98 10.68
CA THR A 187 5.83 -11.29 10.74
C THR A 187 5.02 -11.33 9.43
N ARG A 188 5.31 -12.28 8.54
CA ARG A 188 4.67 -12.37 7.20
C ARG A 188 3.60 -13.44 7.12
N LEU A 193 9.86 -19.39 7.04
CA LEU A 193 10.78 -20.07 7.95
C LEU A 193 10.20 -20.36 9.35
N ARG A 194 9.70 -21.58 9.52
CA ARG A 194 9.42 -22.13 10.86
C ARG A 194 9.72 -23.63 10.77
N PRO A 195 10.53 -24.16 11.70
CA PRO A 195 10.83 -25.59 11.64
C PRO A 195 9.65 -26.50 12.06
N ALA A 196 9.59 -27.70 11.49
CA ALA A 196 8.61 -28.70 11.88
C ALA A 196 8.90 -29.16 13.32
N GLU A 197 7.86 -29.63 14.01
CA GLU A 197 7.98 -30.03 15.42
C GLU A 197 9.01 -31.14 15.59
N ASP A 198 9.03 -32.09 14.66
CA ASP A 198 9.96 -33.24 14.73
C ASP A 198 11.27 -33.04 13.92
N ALA A 199 11.60 -31.78 13.61
CA ALA A 199 12.81 -31.47 12.85
C ALA A 199 14.06 -31.39 13.74
N LEU A 200 15.20 -31.71 13.14
CA LEU A 200 16.47 -31.63 13.83
C LEU A 200 17.18 -30.32 13.47
N GLU A 201 17.23 -29.39 14.42
CA GLU A 201 17.81 -28.05 14.18
C GLU A 201 19.31 -28.08 14.30
N VAL A 202 20.00 -27.63 13.26
CA VAL A 202 21.46 -27.63 13.21
C VAL A 202 22.03 -26.23 12.93
N ASP A 203 22.75 -25.68 13.92
CA ASP A 203 23.39 -24.37 13.77
C ASP A 203 24.67 -24.53 13.00
N THR A 204 24.76 -23.92 11.82
CA THR A 204 25.92 -24.10 10.95
C THR A 204 26.88 -22.91 11.00
N SER A 205 26.62 -21.99 11.94
CA SER A 205 27.37 -20.75 12.07
C SER A 205 28.86 -20.96 12.09
N ASP A 206 29.32 -21.89 12.92
CA ASP A 206 30.75 -22.13 13.10
C ASP A 206 31.31 -23.15 12.10
N MET A 207 30.47 -23.80 11.31
CA MET A 207 30.88 -24.98 10.55
C MET A 207 31.17 -24.66 9.09
N THR A 208 32.10 -25.40 8.50
CA THR A 208 32.29 -25.43 7.03
C THR A 208 31.33 -26.42 6.40
N GLN A 209 31.26 -26.44 5.07
CA GLN A 209 30.29 -27.29 4.36
C GLN A 209 30.53 -28.76 4.67
N GLU A 210 31.78 -29.20 4.55
CA GLU A 210 32.04 -30.63 4.78
C GLU A 210 31.70 -31.03 6.22
N GLN A 211 31.95 -30.12 7.16
CA GLN A 211 31.57 -30.37 8.56
C GLN A 211 30.04 -30.51 8.67
N VAL A 212 29.30 -29.64 8.02
CA VAL A 212 27.84 -29.78 8.03
C VAL A 212 27.41 -31.10 7.37
N VAL A 213 28.02 -31.46 6.23
CA VAL A 213 27.66 -32.72 5.57
C VAL A 213 27.85 -33.88 6.52
N ALA A 214 29.04 -33.97 7.12
CA ALA A 214 29.33 -35.08 8.06
C ALA A 214 28.31 -35.11 9.20
N HIS A 215 27.90 -33.93 9.65
CA HIS A 215 26.93 -33.85 10.71
C HIS A 215 25.60 -34.45 10.29
N LEU A 216 25.13 -34.14 9.09
CA LEU A 216 23.83 -34.62 8.67
C LEU A 216 23.89 -36.11 8.36
N LEU A 217 24.98 -36.56 7.76
CA LEU A 217 25.19 -38.01 7.62
C LEU A 217 25.06 -38.74 8.95
N ASP A 218 25.56 -38.15 10.03
CA ASP A 218 25.50 -38.78 11.33
C ASP A 218 24.06 -38.83 11.81
N LEU A 219 23.35 -37.70 11.68
CA LEU A 219 21.96 -37.65 12.11
C LEU A 219 21.11 -38.63 11.31
N VAL A 220 21.32 -38.69 10.01
CA VAL A 220 20.52 -39.56 9.16
C VAL A 220 20.82 -41.01 9.48
N ARG A 221 22.10 -41.34 9.65
CA ARG A 221 22.47 -42.71 9.95
C ARG A 221 22.20 -43.10 11.42
N THR A 222 21.46 -42.26 12.15
CA THR A 222 20.95 -42.59 13.49
C THR A 222 19.43 -42.64 13.46
N SER B 4 4.46 30.41 -19.53
CA SER B 4 4.21 29.72 -20.84
C SER B 4 3.45 28.40 -20.63
N MET B 5 3.39 27.60 -21.70
CA MET B 5 2.38 26.57 -21.84
C MET B 5 2.73 25.12 -21.43
N VAL B 6 1.91 24.59 -20.53
CA VAL B 6 2.12 23.27 -20.00
C VAL B 6 0.91 22.47 -20.37
N VAL B 7 1.13 21.41 -21.15
CA VAL B 7 0.08 20.51 -21.58
C VAL B 7 0.30 19.16 -20.89
N ALA B 8 -0.66 18.76 -20.05
CA ALA B 8 -0.66 17.45 -19.42
C ALA B 8 -1.45 16.44 -20.25
N VAL B 9 -0.87 15.28 -20.57
CA VAL B 9 -1.62 14.23 -21.27
C VAL B 9 -1.66 12.90 -20.50
N ASP B 10 -2.84 12.54 -19.98
CA ASP B 10 -3.02 11.35 -19.17
C ASP B 10 -3.97 10.37 -19.83
N GLY B 11 -3.97 9.14 -19.34
CA GLY B 11 -4.89 8.13 -19.85
C GLY B 11 -4.34 6.73 -19.67
N PRO B 12 -5.15 5.71 -19.98
CA PRO B 12 -4.66 4.35 -19.81
C PRO B 12 -3.72 3.99 -20.96
N SER B 13 -3.23 2.77 -20.92
CA SER B 13 -2.34 2.27 -21.93
C SER B 13 -3.11 1.72 -23.17
N GLY B 14 -2.41 1.62 -24.30
CA GLY B 14 -2.95 1.02 -25.52
C GLY B 14 -3.72 1.94 -26.45
N THR B 15 -3.70 3.24 -26.17
CA THR B 15 -4.34 4.22 -27.05
C THR B 15 -3.36 4.94 -27.98
N GLY B 16 -2.07 4.66 -27.86
CA GLY B 16 -1.05 5.38 -28.61
C GLY B 16 -0.64 6.68 -27.95
N LYS B 17 -1.02 6.85 -26.69
CA LYS B 17 -0.78 8.08 -25.94
C LYS B 17 0.62 8.64 -26.13
N SER B 18 1.62 7.79 -25.99
CA SER B 18 2.99 8.28 -26.07
C SER B 18 3.38 8.83 -27.45
N SER B 19 2.99 8.15 -28.52
CA SER B 19 3.27 8.64 -29.86
C SER B 19 2.55 9.95 -30.12
N VAL B 20 1.31 10.04 -29.67
CA VAL B 20 0.50 11.22 -29.83
C VAL B 20 1.07 12.42 -29.08
N ALA B 21 1.48 12.21 -27.82
CA ALA B 21 2.12 13.27 -27.02
C ALA B 21 3.45 13.73 -27.65
N LYS B 22 4.32 12.82 -28.07
CA LYS B 22 5.53 13.19 -28.81
C LYS B 22 5.18 14.13 -29.97
N GLU B 23 4.25 13.72 -30.80
CA GLU B 23 4.02 14.42 -32.06
C GLU B 23 3.33 15.76 -31.80
N LEU B 24 2.43 15.78 -30.81
CA LEU B 24 1.89 17.04 -30.31
C LEU B 24 3.01 18.00 -29.90
N ALA B 25 4.02 17.50 -29.19
CA ALA B 25 5.14 18.33 -28.74
C ALA B 25 5.86 18.94 -29.95
N ARG B 26 6.23 18.09 -30.92
CA ARG B 26 6.88 18.56 -32.14
CA ARG B 26 6.88 18.56 -32.14
C ARG B 26 6.08 19.67 -32.82
N GLN B 27 4.77 19.47 -32.96
CA GLN B 27 3.92 20.45 -33.63
C GLN B 27 3.74 21.74 -32.84
N LEU B 28 3.75 21.69 -31.51
CA LEU B 28 3.68 22.92 -30.71
C LEU B 28 5.05 23.55 -30.53
N GLY B 29 6.08 22.97 -31.16
CA GLY B 29 7.46 23.33 -30.87
C GLY B 29 7.81 23.24 -29.39
N ALA B 30 7.15 22.35 -28.66
CA ALA B 30 7.34 22.24 -27.22
C ALA B 30 8.29 21.11 -26.89
N SER B 31 8.60 21.01 -25.61
CA SER B 31 9.40 19.92 -25.07
CA SER B 31 9.40 19.92 -25.07
C SER B 31 8.47 18.76 -24.70
N TYR B 32 9.06 17.59 -24.50
CA TYR B 32 8.32 16.37 -24.20
C TYR B 32 8.90 15.64 -23.00
N LEU B 33 8.01 15.22 -22.10
CA LEU B 33 8.44 14.47 -20.94
C LEU B 33 7.65 13.16 -20.77
N ASP B 34 8.34 12.02 -20.93
CA ASP B 34 7.74 10.69 -20.82
C ASP B 34 7.90 10.19 -19.38
N THR B 35 6.88 10.40 -18.55
CA THR B 35 6.99 10.05 -17.14
C THR B 35 6.97 8.54 -16.87
N GLY B 36 6.24 7.79 -17.69
CA GLY B 36 6.24 6.34 -17.56
C GLY B 36 7.65 5.76 -17.73
N ALA B 37 8.45 6.42 -18.54
CA ALA B 37 9.79 6.00 -18.71
C ALA B 37 10.53 6.13 -17.40
N MET B 38 10.23 7.17 -16.64
CA MET B 38 11.00 7.41 -15.43
C MET B 38 10.73 6.30 -14.40
N TYR B 39 9.46 5.91 -14.26
CA TYR B 39 9.08 4.75 -13.41
C TYR B 39 9.73 3.48 -13.92
N ARG B 40 9.80 3.31 -15.25
CA ARG B 40 10.43 2.13 -15.82
C ARG B 40 11.93 2.08 -15.55
N ILE B 41 12.60 3.23 -15.57
CA ILE B 41 14.03 3.29 -15.30
C ILE B 41 14.29 2.87 -13.84
N VAL B 42 13.52 3.43 -12.90
CA VAL B 42 13.70 3.05 -11.51
C VAL B 42 13.44 1.55 -11.36
N THR B 43 12.44 1.06 -12.07
CA THR B 43 12.07 -0.35 -11.96
C THR B 43 13.27 -1.21 -12.39
N LEU B 44 13.92 -0.84 -13.50
CA LEU B 44 15.06 -1.58 -14.00
C LEU B 44 16.16 -1.61 -12.93
N TRP B 45 16.36 -0.47 -12.28
CA TRP B 45 17.31 -0.32 -11.19
C TRP B 45 17.02 -1.26 -10.06
N VAL B 46 15.76 -1.29 -9.65
CA VAL B 46 15.33 -2.18 -8.55
C VAL B 46 15.56 -3.66 -8.94
N LEU B 47 15.09 -4.04 -10.12
CA LEU B 47 15.25 -5.41 -10.59
C LEU B 47 16.71 -5.85 -10.57
N ARG B 48 17.61 -4.99 -11.04
CA ARG B 48 19.02 -5.35 -11.11
C ARG B 48 19.70 -5.44 -9.75
N ALA B 49 19.17 -4.75 -8.74
CA ALA B 49 19.67 -4.90 -7.38
C ALA B 49 19.07 -6.12 -6.70
N GLY B 50 18.01 -6.67 -7.27
CA GLY B 50 17.44 -7.91 -6.76
C GLY B 50 16.64 -7.69 -5.50
N VAL B 51 16.13 -6.48 -5.35
CA VAL B 51 15.30 -6.08 -4.21
C VAL B 51 13.96 -6.84 -4.23
N ASP B 52 13.53 -7.28 -3.07
CA ASP B 52 12.29 -8.03 -2.95
C ASP B 52 11.11 -7.11 -3.27
N LEU B 53 10.39 -7.41 -4.35
CA LEU B 53 9.31 -6.53 -4.80
C LEU B 53 8.08 -6.54 -3.90
N THR B 54 7.99 -7.50 -2.99
CA THR B 54 6.88 -7.53 -2.06
C THR B 54 7.13 -6.62 -0.84
N ASP B 55 8.26 -5.90 -0.83
CA ASP B 55 8.70 -5.14 0.35
C ASP B 55 8.89 -3.65 0.01
N PRO B 56 7.86 -2.84 0.23
CA PRO B 56 7.91 -1.43 -0.07
C PRO B 56 9.07 -0.72 0.60
N ALA B 57 9.34 -1.03 1.87
CA ALA B 57 10.44 -0.39 2.61
C ALA B 57 11.77 -0.69 1.91
N ALA B 58 11.90 -1.89 1.35
CA ALA B 58 13.14 -2.28 0.69
C ALA B 58 13.29 -1.54 -0.65
N ILE B 59 12.17 -1.35 -1.34
CA ILE B 59 12.16 -0.62 -2.60
C ILE B 59 12.49 0.86 -2.34
N ALA B 60 11.87 1.43 -1.32
CA ALA B 60 12.19 2.82 -0.92
C ALA B 60 13.67 2.95 -0.61
N ALA B 61 14.21 2.05 0.21
CA ALA B 61 15.61 2.11 0.58
C ALA B 61 16.51 1.98 -0.65
N ALA B 62 16.16 1.09 -1.58
CA ALA B 62 17.03 0.84 -2.73
C ALA B 62 16.93 1.91 -3.83
N THR B 63 16.04 2.87 -3.66
CA THR B 63 15.83 3.90 -4.68
C THR B 63 16.08 5.33 -4.18
N ASP B 64 16.83 5.46 -3.10
CA ASP B 64 17.28 6.75 -2.57
C ASP B 64 18.07 7.60 -3.56
N GLN B 65 18.90 6.94 -4.38
CA GLN B 65 19.88 7.61 -5.23
C GLN B 65 19.96 6.96 -6.60
N VAL B 66 18.85 6.97 -7.33
CA VAL B 66 18.83 6.39 -8.68
C VAL B 66 19.48 7.33 -9.68
N PRO B 67 20.59 6.89 -10.29
CA PRO B 67 21.32 7.71 -11.25
C PRO B 67 20.66 7.74 -12.63
N MET B 68 19.67 8.60 -12.75
CA MET B 68 18.78 8.63 -13.90
C MET B 68 18.93 9.92 -14.68
N SER B 69 18.82 9.82 -16.01
CA SER B 69 18.77 10.98 -16.88
C SER B 69 17.82 10.69 -18.04
N VAL B 70 16.98 11.67 -18.38
CA VAL B 70 16.05 11.55 -19.51
C VAL B 70 15.98 12.90 -20.20
N SER B 71 15.84 12.89 -21.51
CA SER B 71 15.74 14.09 -22.30
C SER B 71 14.30 14.63 -22.37
N SER B 72 14.17 15.93 -22.57
CA SER B 72 12.88 16.56 -22.82
C SER B 72 12.71 16.98 -24.29
N ASP B 73 13.62 16.53 -25.13
CA ASP B 73 13.56 16.75 -26.56
C ASP B 73 12.82 15.56 -27.21
N PRO B 74 11.63 15.81 -27.79
CA PRO B 74 10.84 14.73 -28.37
C PRO B 74 11.53 13.97 -29.50
N ASP B 75 12.53 14.59 -30.12
CA ASP B 75 13.29 13.93 -31.18
C ASP B 75 14.51 13.19 -30.69
N ALA B 76 14.89 13.39 -29.41
CA ALA B 76 16.12 12.81 -28.89
C ALA B 76 15.90 12.12 -27.51
N GLN B 77 14.87 11.27 -27.44
CA GLN B 77 14.56 10.56 -26.24
C GLN B 77 15.56 9.46 -26.00
N THR B 78 16.19 9.50 -24.85
CA THR B 78 17.08 8.41 -24.44
C THR B 78 16.85 8.27 -22.96
N ALA B 79 17.13 7.08 -22.48
CA ALA B 79 16.87 6.73 -21.12
C ALA B 79 18.21 6.25 -20.61
N LEU B 80 18.84 7.04 -19.75
CA LEU B 80 20.15 6.70 -19.24
C LEU B 80 20.07 6.35 -17.76
N LEU B 81 20.76 5.29 -17.37
CA LEU B 81 20.88 4.89 -15.98
C LEU B 81 22.34 4.58 -15.70
N ALA B 82 22.93 5.28 -14.73
CA ALA B 82 24.35 5.13 -14.44
C ALA B 82 25.18 5.26 -15.74
N GLY B 83 24.80 6.18 -16.61
CA GLY B 83 25.49 6.38 -17.88
C GLY B 83 25.16 5.40 -19.00
N GLU B 84 24.42 4.32 -18.69
CA GLU B 84 24.11 3.28 -19.66
C GLU B 84 22.82 3.62 -20.38
N ASP B 85 22.83 3.46 -21.70
CA ASP B 85 21.61 3.62 -22.50
C ASP B 85 20.70 2.42 -22.26
N VAL B 86 19.59 2.65 -21.58
CA VAL B 86 18.69 1.57 -21.19
C VAL B 86 17.34 1.69 -21.88
N SER B 87 17.31 2.39 -23.01
CA SER B 87 16.09 2.54 -23.81
C SER B 87 15.41 1.22 -24.17
N VAL B 88 16.24 0.21 -24.48
CA VAL B 88 15.72 -1.10 -24.85
C VAL B 88 15.20 -1.82 -23.59
N PRO B 89 16.08 -2.13 -22.63
CA PRO B 89 15.62 -2.92 -21.49
C PRO B 89 14.44 -2.33 -20.72
N ILE B 90 14.30 -1.00 -20.65
CA ILE B 90 13.16 -0.41 -19.92
C ILE B 90 11.81 -0.68 -20.59
N ARG B 91 11.82 -1.13 -21.84
CA ARG B 91 10.59 -1.53 -22.54
C ARG B 91 10.34 -3.01 -22.55
N GLY B 92 11.25 -3.80 -21.99
CA GLY B 92 11.06 -5.25 -21.92
C GLY B 92 9.96 -5.71 -20.95
N ASN B 93 9.53 -6.94 -21.12
CA ASN B 93 8.46 -7.48 -20.32
C ASN B 93 8.79 -7.54 -18.82
N GLU B 94 10.06 -7.79 -18.48
CA GLU B 94 10.46 -7.90 -17.08
C GLU B 94 10.07 -6.59 -16.39
N VAL B 95 10.46 -5.48 -16.98
CA VAL B 95 10.15 -4.19 -16.41
C VAL B 95 8.67 -3.91 -16.47
N THR B 96 8.02 -4.30 -17.57
CA THR B 96 6.60 -4.06 -17.69
C THR B 96 5.88 -4.78 -16.58
N GLY B 97 6.22 -6.02 -16.34
CA GLY B 97 5.61 -6.77 -15.23
C GLY B 97 5.89 -6.19 -13.85
N ALA B 98 7.06 -5.58 -13.66
CA ALA B 98 7.48 -5.14 -12.31
C ALA B 98 7.08 -3.73 -11.99
N VAL B 99 6.83 -2.92 -13.02
CA VAL B 99 6.78 -1.46 -12.85
C VAL B 99 5.70 -1.02 -11.90
N SER B 100 4.57 -1.71 -11.89
CA SER B 100 3.49 -1.37 -10.96
C SER B 100 3.81 -1.67 -9.51
N ALA B 101 4.64 -2.67 -9.24
CA ALA B 101 5.03 -2.94 -7.87
C ALA B 101 5.80 -1.72 -7.39
N VAL B 102 6.73 -1.24 -8.21
CA VAL B 102 7.59 -0.14 -7.81
C VAL B 102 6.86 1.20 -7.81
N SER B 103 6.00 1.39 -8.80
CA SER B 103 5.20 2.60 -8.88
C SER B 103 4.26 2.83 -7.71
N ALA B 104 3.85 1.75 -7.05
CA ALA B 104 2.90 1.85 -5.96
C ALA B 104 3.57 2.32 -4.66
N VAL B 105 4.90 2.33 -4.62
CA VAL B 105 5.61 2.72 -3.42
C VAL B 105 5.60 4.24 -3.32
N PRO B 106 4.94 4.78 -2.30
CA PRO B 106 4.86 6.22 -2.10
C PRO B 106 6.22 6.94 -2.15
N ALA B 107 7.22 6.42 -1.45
CA ALA B 107 8.53 7.07 -1.46
C ALA B 107 9.02 7.27 -2.89
N VAL B 108 8.79 6.28 -3.75
CA VAL B 108 9.21 6.35 -5.14
C VAL B 108 8.47 7.45 -5.86
N ARG B 109 7.16 7.48 -5.71
CA ARG B 109 6.38 8.51 -6.40
C ARG B 109 6.81 9.90 -5.97
N GLU B 110 7.00 10.07 -4.67
CA GLU B 110 7.31 11.35 -4.09
C GLU B 110 8.51 11.97 -4.79
N ARG B 111 9.53 11.16 -5.03
CA ARG B 111 10.74 11.63 -5.72
C ARG B 111 10.48 11.93 -7.20
N LEU B 112 9.83 11.01 -7.91
CA LEU B 112 9.67 11.22 -9.33
C LEU B 112 8.76 12.39 -9.60
N VAL B 113 7.75 12.61 -8.75
CA VAL B 113 6.85 13.72 -8.95
C VAL B 113 7.61 15.03 -8.80
N ARG B 114 8.50 15.06 -7.82
CA ARG B 114 9.37 16.20 -7.64
C ARG B 114 10.28 16.37 -8.88
N GLN B 115 10.92 15.30 -9.32
CA GLN B 115 11.79 15.40 -10.49
C GLN B 115 10.99 15.84 -11.72
N GLN B 116 9.76 15.35 -11.81
CA GLN B 116 8.88 15.71 -12.94
C GLN B 116 8.50 17.20 -12.94
N ARG B 117 8.14 17.73 -11.77
CA ARG B 117 7.87 19.14 -11.63
C ARG B 117 9.07 20.02 -12.02
N GLU B 118 10.26 19.65 -11.59
CA GLU B 118 11.44 20.45 -11.86
C GLU B 118 11.78 20.48 -13.35
N LEU B 119 11.76 19.30 -13.97
CA LEU B 119 12.01 19.20 -15.39
C LEU B 119 10.97 20.01 -16.16
N ALA B 120 9.73 19.98 -15.68
CA ALA B 120 8.65 20.70 -16.33
C ALA B 120 8.88 22.21 -16.25
N GLU B 121 9.17 22.73 -15.05
CA GLU B 121 9.42 24.19 -14.87
C GLU B 121 10.56 24.67 -15.76
N SER B 122 11.63 23.89 -15.86
CA SER B 122 12.80 24.33 -16.61
C SER B 122 12.73 24.07 -18.11
N SER B 123 11.62 23.49 -18.60
CA SER B 123 11.48 23.15 -20.02
C SER B 123 10.65 24.14 -20.80
N GLY B 124 10.15 25.18 -20.15
CA GLY B 124 9.29 26.16 -20.83
C GLY B 124 8.03 25.50 -21.40
N ALA B 125 7.79 25.68 -22.70
CA ALA B 125 6.65 25.04 -23.36
C ALA B 125 6.85 23.53 -23.38
N VAL B 126 5.96 22.79 -22.73
CA VAL B 126 6.19 21.35 -22.52
C VAL B 126 4.92 20.52 -22.47
N VAL B 127 4.96 19.37 -23.13
CA VAL B 127 3.92 18.39 -23.05
C VAL B 127 4.45 17.30 -22.12
N VAL B 128 3.72 17.03 -21.03
CA VAL B 128 4.17 16.07 -20.03
C VAL B 128 3.15 14.95 -19.99
N GLU B 129 3.61 13.73 -20.26
CA GLU B 129 2.72 12.58 -20.45
C GLU B 129 2.77 11.63 -19.27
N GLY B 130 1.62 11.05 -18.92
CA GLY B 130 1.60 10.00 -17.88
C GLY B 130 0.21 9.52 -17.53
N ARG B 131 -0.04 9.38 -16.23
CA ARG B 131 -1.34 8.97 -15.69
C ARG B 131 -1.92 9.92 -14.63
N ASP B 132 -1.07 10.58 -13.85
CA ASP B 132 -1.53 11.52 -12.81
C ASP B 132 -0.98 12.93 -13.03
N ILE B 133 -0.67 13.26 -14.28
CA ILE B 133 -0.06 14.53 -14.55
C ILE B 133 -1.05 15.67 -14.25
N GLY B 134 -2.26 15.56 -14.79
CA GLY B 134 -3.27 16.59 -14.60
C GLY B 134 -3.90 16.63 -13.21
N THR B 135 -3.77 15.55 -12.45
CA THR B 135 -4.42 15.47 -11.14
C THR B 135 -3.41 15.72 -10.00
N VAL B 136 -2.21 15.15 -10.11
CA VAL B 136 -1.20 15.24 -9.04
C VAL B 136 0.04 16.04 -9.41
N VAL B 137 0.71 15.69 -10.50
CA VAL B 137 2.01 16.33 -10.80
C VAL B 137 1.90 17.81 -11.19
N LEU B 138 1.09 18.11 -12.19
CA LEU B 138 0.90 19.49 -12.65
C LEU B 138 -0.58 19.86 -12.62
N PRO B 139 -1.16 20.00 -11.43
CA PRO B 139 -2.59 20.29 -11.34
C PRO B 139 -3.01 21.65 -11.86
N ASP B 140 -2.08 22.55 -12.11
CA ASP B 140 -2.41 23.83 -12.75
C ASP B 140 -1.84 23.95 -14.14
N ALA B 141 -1.80 22.83 -14.85
CA ALA B 141 -1.45 22.88 -16.27
C ALA B 141 -2.44 23.78 -16.98
N ASP B 142 -2.01 24.30 -18.12
CA ASP B 142 -2.85 25.16 -18.93
C ASP B 142 -3.92 24.37 -19.66
N VAL B 143 -3.51 23.27 -20.27
CA VAL B 143 -4.43 22.34 -20.93
C VAL B 143 -4.19 20.95 -20.34
N LYS B 144 -5.28 20.27 -20.02
CA LYS B 144 -5.21 18.92 -19.50
C LYS B 144 -6.02 18.06 -20.43
N ILE B 145 -5.41 16.97 -20.91
CA ILE B 145 -6.05 16.05 -21.86
C ILE B 145 -6.08 14.64 -21.30
N TYR B 146 -7.24 14.02 -21.34
CA TYR B 146 -7.38 12.64 -20.91
C TYR B 146 -7.70 11.80 -22.12
N LEU B 147 -6.71 11.07 -22.65
CA LEU B 147 -6.90 10.23 -23.84
C LEU B 147 -7.48 8.91 -23.40
N THR B 148 -8.62 8.55 -23.96
CA THR B 148 -9.25 7.30 -23.60
C THR B 148 -9.72 6.54 -24.85
N ALA B 149 -10.19 5.33 -24.63
CA ALA B 149 -10.70 4.48 -25.71
C ALA B 149 -11.45 3.33 -25.09
N SER B 150 -12.38 2.77 -25.84
CA SER B 150 -13.12 1.63 -25.37
C SER B 150 -12.17 0.46 -25.08
N ALA B 151 -12.67 -0.50 -24.30
CA ALA B 151 -11.92 -1.73 -24.05
C ALA B 151 -11.67 -2.46 -25.37
N GLN B 152 -12.66 -2.41 -26.26
CA GLN B 152 -12.62 -3.14 -27.51
C GLN B 152 -11.50 -2.56 -28.36
N ALA B 153 -11.55 -1.24 -28.55
CA ALA B 153 -10.55 -0.56 -29.35
C ALA B 153 -9.16 -0.87 -28.81
N ARG B 154 -8.97 -0.74 -27.51
CA ARG B 154 -7.66 -0.98 -26.90
C ARG B 154 -7.21 -2.42 -27.09
N ALA B 155 -8.14 -3.36 -26.95
CA ALA B 155 -7.84 -4.78 -27.10
C ALA B 155 -7.33 -5.11 -28.49
N GLN B 156 -7.98 -4.57 -29.52
CA GLN B 156 -7.58 -4.87 -30.90
C GLN B 156 -6.17 -4.34 -31.19
N ARG B 157 -5.81 -3.18 -30.65
CA ARG B 157 -4.48 -2.59 -30.86
C ARG B 157 -3.38 -3.44 -30.17
N ARG B 158 -3.75 -4.36 -29.28
CA ARG B 158 -2.75 -5.31 -28.78
C ARG B 158 -2.38 -6.34 -29.89
N ASN B 159 -3.37 -6.78 -30.67
CA ASN B 159 -3.09 -7.62 -31.85
C ASN B 159 -2.24 -6.89 -32.90
N GLN B 179 -10.00 -5.69 -20.22
CA GLN B 179 -11.11 -5.38 -19.29
C GLN B 179 -10.77 -5.61 -17.81
N ARG B 180 -9.86 -6.55 -17.55
CA ARG B 180 -9.42 -6.81 -16.18
C ARG B 180 -8.64 -5.62 -15.65
N ARG B 181 -7.59 -5.22 -16.38
CA ARG B 181 -6.72 -4.13 -15.97
C ARG B 181 -7.49 -2.82 -15.69
N ASP B 182 -8.62 -2.62 -16.34
CA ASP B 182 -9.49 -1.46 -16.08
C ASP B 182 -10.04 -1.44 -14.66
N HIS B 183 -10.42 -2.62 -14.15
CA HIS B 183 -10.97 -2.70 -12.79
C HIS B 183 -9.92 -2.52 -11.73
N LEU B 184 -8.74 -3.11 -11.93
CA LEU B 184 -7.64 -2.98 -10.96
C LEU B 184 -7.08 -1.56 -10.89
N ASP B 185 -6.99 -0.90 -12.05
CA ASP B 185 -6.57 0.50 -12.12
C ASP B 185 -7.55 1.45 -11.42
N SER B 186 -8.83 1.16 -11.57
CA SER B 186 -9.87 1.98 -10.97
C SER B 186 -9.83 1.92 -9.44
N THR B 187 -9.50 0.74 -8.90
CA THR B 187 -9.53 0.52 -7.46
C THR B 187 -8.14 0.48 -6.81
N ARG B 188 -7.10 0.98 -7.48
CA ARG B 188 -5.74 0.90 -6.94
C ARG B 188 -5.47 1.97 -5.88
N ALA B 189 -4.67 1.60 -4.89
CA ALA B 189 -4.46 2.41 -3.68
C ALA B 189 -3.65 3.69 -3.90
N VAL B 190 -2.46 3.58 -4.47
CA VAL B 190 -1.48 4.69 -4.45
C VAL B 190 -1.80 5.79 -5.47
N SER B 191 -2.12 5.38 -6.70
CA SER B 191 -2.52 6.31 -7.77
C SER B 191 -3.53 5.58 -8.64
N PRO B 192 -4.81 5.61 -8.23
CA PRO B 192 -5.88 5.13 -9.12
C PRO B 192 -6.03 6.07 -10.32
N LEU B 193 -6.52 5.53 -11.42
CA LEU B 193 -6.50 6.25 -12.69
C LEU B 193 -7.84 6.97 -12.90
N ARG B 194 -7.82 8.30 -12.76
CA ARG B 194 -9.01 9.11 -12.86
C ARG B 194 -8.66 10.49 -13.50
N PRO B 195 -9.53 11.01 -14.38
CA PRO B 195 -9.23 12.30 -15.00
C PRO B 195 -9.44 13.46 -14.03
N ALA B 196 -8.71 14.56 -14.23
CA ALA B 196 -8.97 15.80 -13.49
C ALA B 196 -10.33 16.35 -13.90
N GLU B 197 -10.99 17.11 -13.01
CA GLU B 197 -12.33 17.68 -13.32
C GLU B 197 -12.25 18.59 -14.54
N ASP B 198 -11.17 19.37 -14.64
CA ASP B 198 -11.02 20.34 -15.74
C ASP B 198 -10.25 19.75 -16.97
N ALA B 199 -10.13 18.42 -17.04
CA ALA B 199 -9.53 17.76 -18.19
C ALA B 199 -10.49 17.63 -19.38
N LEU B 200 -9.92 17.61 -20.57
CA LEU B 200 -10.68 17.45 -21.78
C LEU B 200 -10.59 15.98 -22.18
N GLU B 201 -11.69 15.25 -22.00
CA GLU B 201 -11.72 13.82 -22.30
C GLU B 201 -11.91 13.58 -23.79
N VAL B 202 -10.99 12.81 -24.39
CA VAL B 202 -10.97 12.58 -25.83
C VAL B 202 -11.00 11.09 -26.14
N ASP B 203 -12.09 10.64 -26.75
CA ASP B 203 -12.25 9.25 -27.07
C ASP B 203 -11.56 8.99 -28.38
N THR B 204 -10.55 8.14 -28.37
CA THR B 204 -9.73 7.91 -29.56
C THR B 204 -10.12 6.62 -30.28
N SER B 205 -11.20 6.00 -29.83
CA SER B 205 -11.67 4.71 -30.34
C SER B 205 -11.77 4.65 -31.85
N ASP B 206 -12.38 5.66 -32.44
CA ASP B 206 -12.59 5.73 -33.91
C ASP B 206 -11.44 6.39 -34.67
N MET B 207 -10.45 6.95 -33.97
CA MET B 207 -9.46 7.82 -34.61
C MET B 207 -8.12 7.12 -34.85
N THR B 208 -7.42 7.55 -35.90
CA THR B 208 -6.00 7.22 -36.07
C THR B 208 -5.16 8.19 -35.28
N GLN B 209 -3.86 7.95 -35.20
CA GLN B 209 -2.95 8.80 -34.44
C GLN B 209 -2.94 10.24 -34.99
N GLU B 210 -2.76 10.41 -36.30
CA GLU B 210 -2.68 11.77 -36.85
C GLU B 210 -3.99 12.54 -36.64
N GLN B 211 -5.11 11.82 -36.72
CA GLN B 211 -6.39 12.44 -36.38
C GLN B 211 -6.40 12.93 -34.94
N VAL B 212 -5.92 12.10 -34.02
CA VAL B 212 -5.86 12.54 -32.62
C VAL B 212 -4.93 13.76 -32.47
N VAL B 213 -3.77 13.71 -33.12
CA VAL B 213 -2.84 14.83 -33.02
C VAL B 213 -3.55 16.10 -33.46
N ALA B 214 -4.15 16.07 -34.66
CA ALA B 214 -4.84 17.27 -35.18
C ALA B 214 -5.90 17.75 -34.18
N HIS B 215 -6.56 16.80 -33.56
CA HIS B 215 -7.60 17.17 -32.61
C HIS B 215 -7.03 17.93 -31.44
N LEU B 216 -5.92 17.45 -30.88
CA LEU B 216 -5.35 18.09 -29.72
C LEU B 216 -4.76 19.45 -30.10
N LEU B 217 -4.10 19.54 -31.24
CA LEU B 217 -3.66 20.85 -31.74
C LEU B 217 -4.80 21.86 -31.78
N ASP B 218 -5.99 21.41 -32.15
CA ASP B 218 -7.14 22.30 -32.22
C ASP B 218 -7.54 22.71 -30.80
N LEU B 219 -7.63 21.76 -29.90
CA LEU B 219 -8.03 22.07 -28.52
C LEU B 219 -7.02 23.00 -27.85
N VAL B 220 -5.74 22.74 -28.08
CA VAL B 220 -4.71 23.53 -27.45
C VAL B 220 -4.70 24.93 -28.05
N ARG B 221 -4.86 25.05 -29.35
CA ARG B 221 -4.90 26.36 -30.00
C ARG B 221 -6.25 27.08 -29.84
N THR B 222 -7.11 26.57 -28.96
CA THR B 222 -8.31 27.27 -28.51
C THR B 222 -8.28 27.59 -27.00
N ARG B 223 -7.22 27.16 -26.28
CA ARG B 223 -7.02 27.52 -24.87
C ARG B 223 -5.51 27.62 -24.55
N SER C 4 -4.34 -26.49 25.19
CA SER C 4 -4.72 -27.86 24.73
C SER C 4 -5.17 -27.72 23.26
N MET C 5 -6.49 -27.68 22.98
CA MET C 5 -7.00 -27.43 21.62
C MET C 5 -7.11 -25.93 21.26
N VAL C 6 -6.49 -25.58 20.14
CA VAL C 6 -6.50 -24.21 19.65
C VAL C 6 -7.14 -24.21 18.29
N VAL C 7 -8.25 -23.48 18.17
CA VAL C 7 -9.00 -23.35 16.93
C VAL C 7 -8.89 -21.92 16.43
N ALA C 8 -8.28 -21.75 15.27
CA ALA C 8 -8.13 -20.46 14.61
C ALA C 8 -9.25 -20.25 13.61
N VAL C 9 -9.95 -19.12 13.68
CA VAL C 9 -11.01 -18.83 12.71
C VAL C 9 -10.77 -17.50 12.00
N ASP C 10 -10.46 -17.58 10.70
CA ASP C 10 -10.17 -16.41 9.89
C ASP C 10 -11.16 -16.24 8.76
N GLY C 11 -11.15 -15.06 8.16
CA GLY C 11 -12.00 -14.79 6.99
C GLY C 11 -12.31 -13.32 6.84
N PRO C 12 -12.98 -12.95 5.74
CA PRO C 12 -13.33 -11.56 5.56
C PRO C 12 -14.53 -11.22 6.41
N SER C 13 -14.95 -9.97 6.31
CA SER C 13 -16.05 -9.46 7.08
C SER C 13 -17.41 -9.74 6.41
N GLY C 14 -18.47 -9.68 7.21
CA GLY C 14 -19.85 -9.83 6.71
C GLY C 14 -20.39 -11.26 6.62
N THR C 15 -19.64 -12.24 7.13
CA THR C 15 -20.09 -13.61 7.11
C THR C 15 -20.66 -14.09 8.45
N GLY C 16 -20.64 -13.23 9.47
CA GLY C 16 -21.09 -13.63 10.78
C GLY C 16 -20.00 -14.33 11.58
N LYS C 17 -18.77 -14.23 11.11
CA LYS C 17 -17.61 -14.88 11.70
C LYS C 17 -17.56 -14.78 13.22
N SER C 18 -17.75 -13.57 13.74
CA SER C 18 -17.65 -13.40 15.17
C SER C 18 -18.72 -14.15 15.97
N SER C 19 -19.98 -14.10 15.52
CA SER C 19 -21.04 -14.84 16.22
C SER C 19 -20.80 -16.34 16.19
N VAL C 20 -20.34 -16.82 15.03
CA VAL C 20 -20.09 -18.23 14.86
C VAL C 20 -18.96 -18.70 15.75
N ALA C 21 -17.88 -17.90 15.82
CA ALA C 21 -16.72 -18.23 16.67
C ALA C 21 -17.12 -18.27 18.12
N LYS C 22 -17.85 -17.26 18.56
CA LYS C 22 -18.39 -17.26 19.92
C LYS C 22 -19.10 -18.57 20.23
N GLU C 23 -20.02 -18.95 19.35
CA GLU C 23 -20.92 -20.06 19.67
C GLU C 23 -20.18 -21.38 19.56
N LEU C 24 -19.26 -21.48 18.61
CA LEU C 24 -18.33 -22.60 18.56
C LEU C 24 -17.55 -22.75 19.89
N ALA C 25 -17.09 -21.65 20.46
CA ALA C 25 -16.38 -21.68 21.73
C ALA C 25 -17.27 -22.27 22.82
N ARG C 26 -18.48 -21.72 22.97
CA ARG C 26 -19.44 -22.21 23.96
C ARG C 26 -19.63 -23.73 23.81
N GLN C 27 -19.81 -24.20 22.58
CA GLN C 27 -20.07 -25.62 22.32
C GLN C 27 -18.86 -26.52 22.56
N LEU C 28 -17.66 -26.01 22.36
CA LEU C 28 -16.45 -26.76 22.70
C LEU C 28 -16.08 -26.62 24.18
N GLY C 29 -16.90 -25.90 24.94
CA GLY C 29 -16.51 -25.47 26.29
C GLY C 29 -15.19 -24.71 26.32
N ALA C 30 -14.84 -24.02 25.23
CA ALA C 30 -13.52 -23.34 25.11
C ALA C 30 -13.62 -21.86 25.40
N SER C 31 -12.47 -21.20 25.42
CA SER C 31 -12.37 -19.75 25.57
C SER C 31 -12.46 -19.12 24.20
N TYR C 32 -12.72 -17.81 24.19
CA TYR C 32 -12.89 -17.06 22.96
C TYR C 32 -12.04 -15.78 22.97
N LEU C 33 -11.37 -15.54 21.86
CA LEU C 33 -10.59 -14.35 21.72
C LEU C 33 -10.91 -13.57 20.42
N ASP C 34 -11.45 -12.36 20.58
CA ASP C 34 -11.84 -11.50 19.46
C ASP C 34 -10.67 -10.54 19.12
N THR C 35 -9.82 -10.93 18.17
CA THR C 35 -8.62 -10.14 17.86
C THR C 35 -8.93 -8.80 17.14
N GLY C 36 -9.99 -8.76 16.34
CA GLY C 36 -10.37 -7.54 15.68
C GLY C 36 -10.71 -6.49 16.70
N ALA C 37 -11.21 -6.93 17.84
CA ALA C 37 -11.58 -6.00 18.86
C ALA C 37 -10.30 -5.36 19.40
N MET C 38 -9.22 -6.12 19.43
CA MET C 38 -7.98 -5.56 19.97
C MET C 38 -7.46 -4.41 19.09
N TYR C 39 -7.46 -4.63 17.77
CA TYR C 39 -7.07 -3.60 16.80
C TYR C 39 -7.99 -2.41 16.90
N ARG C 40 -9.27 -2.66 17.10
CA ARG C 40 -10.22 -1.55 17.25
C ARG C 40 -9.94 -0.73 18.50
N ILE C 41 -9.53 -1.39 19.59
CA ILE C 41 -9.30 -0.70 20.84
C ILE C 41 -8.13 0.26 20.68
N VAL C 42 -7.05 -0.23 20.08
CA VAL C 42 -5.89 0.61 19.84
C VAL C 42 -6.30 1.78 18.94
N THR C 43 -7.13 1.50 17.94
CA THR C 43 -7.56 2.53 17.01
C THR C 43 -8.31 3.63 17.75
N LEU C 44 -9.21 3.25 18.65
CA LEU C 44 -9.96 4.22 19.48
C LEU C 44 -8.99 5.10 20.28
N TRP C 45 -7.97 4.48 20.86
CA TRP C 45 -6.91 5.16 21.59
C TRP C 45 -6.21 6.17 20.75
N VAL C 46 -5.81 5.76 19.54
CA VAL C 46 -5.13 6.66 18.62
C VAL C 46 -6.02 7.86 18.22
N LEU C 47 -7.25 7.55 17.81
CA LEU C 47 -8.21 8.60 17.44
C LEU C 47 -8.38 9.62 18.55
N ARG C 48 -8.53 9.16 19.79
CA ARG C 48 -8.74 10.09 20.92
C ARG C 48 -7.53 10.96 21.26
N ALA C 49 -6.32 10.51 20.95
CA ALA C 49 -5.11 11.31 21.13
C ALA C 49 -4.91 12.23 19.93
N GLY C 50 -5.68 12.03 18.85
CA GLY C 50 -5.66 12.98 17.74
C GLY C 50 -4.42 12.84 16.88
N VAL C 51 -3.82 11.67 16.91
CA VAL C 51 -2.59 11.38 16.19
C VAL C 51 -2.85 11.32 14.67
N ASP C 52 -1.89 11.83 13.89
CA ASP C 52 -2.02 11.89 12.42
C ASP C 52 -1.97 10.48 11.84
N LEU C 53 -3.08 10.05 11.25
CA LEU C 53 -3.18 8.67 10.73
C LEU C 53 -2.35 8.42 9.47
N THR C 54 -1.86 9.47 8.82
CA THR C 54 -0.97 9.27 7.67
C THR C 54 0.50 9.05 8.11
N ASP C 55 0.77 9.00 9.41
CA ASP C 55 2.14 8.96 9.92
C ASP C 55 2.36 7.71 10.80
N PRO C 56 2.88 6.63 10.19
CA PRO C 56 3.13 5.39 10.93
C PRO C 56 4.01 5.57 12.15
N ALA C 57 5.06 6.39 12.05
CA ALA C 57 5.94 6.60 13.19
C ALA C 57 5.16 7.23 14.34
N ALA C 58 4.21 8.10 14.01
CA ALA C 58 3.43 8.80 15.03
C ALA C 58 2.44 7.84 15.71
N ILE C 59 1.90 6.92 14.92
CA ILE C 59 1.02 5.89 15.44
C ILE C 59 1.82 4.93 16.35
N ALA C 60 2.98 4.50 15.90
CA ALA C 60 3.83 3.65 16.72
C ALA C 60 4.18 4.32 18.04
N ALA C 61 4.63 5.57 17.99
CA ALA C 61 4.98 6.29 19.21
C ALA C 61 3.77 6.40 20.15
N ALA C 62 2.59 6.68 19.58
CA ALA C 62 1.39 6.90 20.39
C ALA C 62 0.74 5.63 20.94
N THR C 63 1.27 4.46 20.58
CA THR C 63 0.69 3.17 21.01
C THR C 63 1.65 2.25 21.78
N ASP C 64 2.71 2.83 22.35
CA ASP C 64 3.66 2.11 23.21
C ASP C 64 3.04 1.44 24.42
N GLN C 65 2.04 2.11 25.02
CA GLN C 65 1.50 1.71 26.31
C GLN C 65 -0.01 1.84 26.32
N VAL C 66 -0.67 1.11 25.44
CA VAL C 66 -2.12 1.18 25.35
C VAL C 66 -2.71 0.37 26.51
N PRO C 67 -3.43 1.03 27.41
CA PRO C 67 -4.01 0.38 28.58
C PRO C 67 -5.28 -0.40 28.24
N MET C 68 -5.07 -1.60 27.72
CA MET C 68 -6.12 -2.43 27.16
C MET C 68 -6.34 -3.70 28.00
N SER C 69 -7.60 -4.12 28.08
CA SER C 69 -7.98 -5.38 28.70
C SER C 69 -9.17 -5.98 27.93
N VAL C 70 -9.11 -7.28 27.66
CA VAL C 70 -10.20 -7.97 26.97
C VAL C 70 -10.38 -9.34 27.61
N SER C 71 -11.63 -9.80 27.67
CA SER C 71 -11.95 -11.10 28.25
C SER C 71 -11.80 -12.23 27.22
N SER C 72 -11.55 -13.44 27.70
CA SER C 72 -11.52 -14.64 26.85
C SER C 72 -12.73 -15.52 27.12
N ASP C 73 -13.68 -14.99 27.87
CA ASP C 73 -14.93 -15.66 28.16
C ASP C 73 -15.98 -15.24 27.11
N PRO C 74 -16.46 -16.21 26.29
CA PRO C 74 -17.39 -15.89 25.21
C PRO C 74 -18.69 -15.28 25.68
N ASP C 75 -19.03 -15.51 26.94
CA ASP C 75 -20.26 -14.97 27.50
C ASP C 75 -20.08 -13.62 28.18
N ALA C 76 -18.84 -13.16 28.36
CA ALA C 76 -18.58 -11.90 29.09
C ALA C 76 -17.58 -10.99 28.36
N GLN C 77 -17.81 -10.78 27.08
CA GLN C 77 -16.91 -9.96 26.26
C GLN C 77 -17.06 -8.49 26.58
N THR C 78 -15.97 -7.89 27.03
CA THR C 78 -15.96 -6.45 27.33
C THR C 78 -14.63 -5.98 26.88
N ALA C 79 -14.60 -4.71 26.49
CA ALA C 79 -13.46 -4.10 25.89
C ALA C 79 -13.20 -2.95 26.81
N LEU C 80 -12.14 -3.04 27.59
CA LEU C 80 -11.79 -1.99 28.53
C LEU C 80 -10.54 -1.26 28.05
N LEU C 81 -10.58 0.06 28.14
CA LEU C 81 -9.44 0.89 27.84
C LEU C 81 -9.32 1.92 28.95
N ALA C 82 -8.17 1.94 29.61
CA ALA C 82 -7.92 2.84 30.73
C ALA C 82 -9.06 2.74 31.74
N GLY C 83 -9.54 1.52 31.97
CA GLY C 83 -10.66 1.28 32.90
C GLY C 83 -12.06 1.56 32.37
N GLU C 84 -12.17 2.19 31.20
CA GLU C 84 -13.45 2.53 30.63
C GLU C 84 -13.98 1.39 29.76
N ASP C 85 -15.26 1.07 29.89
CA ASP C 85 -15.92 0.14 28.98
C ASP C 85 -16.12 0.81 27.63
N VAL C 86 -15.39 0.36 26.60
CA VAL C 86 -15.42 0.99 25.28
C VAL C 86 -16.01 0.02 24.23
N SER C 87 -16.82 -0.94 24.69
CA SER C 87 -17.50 -1.89 23.79
C SER C 87 -18.33 -1.23 22.69
N VAL C 88 -19.01 -0.14 23.04
CA VAL C 88 -19.83 0.56 22.09
C VAL C 88 -18.93 1.35 21.13
N PRO C 89 -18.14 2.30 21.63
CA PRO C 89 -17.38 3.13 20.66
C PRO C 89 -16.45 2.38 19.72
N ILE C 90 -15.88 1.25 20.15
CA ILE C 90 -14.98 0.49 19.26
C ILE C 90 -15.71 -0.14 18.05
N ARG C 91 -17.03 -0.16 18.08
CA ARG C 91 -17.83 -0.63 16.94
C ARG C 91 -18.38 0.51 16.09
N GLY C 92 -18.12 1.75 16.46
CA GLY C 92 -18.58 2.90 15.66
C GLY C 92 -17.89 3.09 14.31
N ASN C 93 -18.53 3.85 13.45
CA ASN C 93 -17.98 4.07 12.12
C ASN C 93 -16.61 4.80 12.12
N GLU C 94 -16.39 5.70 13.10
CA GLU C 94 -15.12 6.41 13.18
C GLU C 94 -14.01 5.40 13.29
N VAL C 95 -14.15 4.46 14.21
CA VAL C 95 -13.14 3.44 14.41
C VAL C 95 -13.07 2.52 13.19
N THR C 96 -14.23 2.17 12.61
CA THR C 96 -14.25 1.27 11.47
C THR C 96 -13.48 1.90 10.34
N GLY C 97 -13.71 3.18 10.08
CA GLY C 97 -12.92 3.88 9.07
C GLY C 97 -11.43 4.01 9.38
N ALA C 98 -11.04 4.06 10.66
CA ALA C 98 -9.62 4.31 11.03
C ALA C 98 -8.80 3.05 11.21
N VAL C 99 -9.49 1.93 11.48
CA VAL C 99 -8.79 0.74 12.02
C VAL C 99 -7.73 0.17 11.06
N SER C 100 -7.94 0.28 9.76
CA SER C 100 -6.95 -0.19 8.81
C SER C 100 -5.72 0.68 8.73
N ALA C 101 -5.85 1.97 9.01
CA ALA C 101 -4.64 2.82 9.07
C ALA C 101 -3.77 2.28 10.20
N VAL C 102 -4.36 2.03 11.35
CA VAL C 102 -3.61 1.65 12.55
C VAL C 102 -3.10 0.20 12.46
N SER C 103 -3.95 -0.69 11.94
CA SER C 103 -3.57 -2.07 11.74
C SER C 103 -2.39 -2.28 10.80
N ALA C 104 -2.17 -1.35 9.90
CA ALA C 104 -1.11 -1.49 8.88
C ALA C 104 0.25 -1.17 9.46
N VAL C 105 0.29 -0.55 10.64
CA VAL C 105 1.55 -0.14 11.23
C VAL C 105 2.19 -1.39 11.86
N PRO C 106 3.35 -1.82 11.31
CA PRO C 106 4.08 -3.00 11.82
C PRO C 106 4.30 -2.99 13.33
N ALA C 107 4.74 -1.86 13.88
CA ALA C 107 4.94 -1.77 15.35
C ALA C 107 3.66 -2.19 16.11
N VAL C 108 2.50 -1.78 15.60
CA VAL C 108 1.23 -2.12 16.25
C VAL C 108 0.96 -3.59 16.16
N ARG C 109 1.11 -4.18 14.98
CA ARG C 109 0.85 -5.61 14.83
C ARG C 109 1.77 -6.43 15.74
N GLU C 110 3.03 -6.05 15.76
CA GLU C 110 4.03 -6.76 16.51
C GLU C 110 3.55 -6.96 17.95
N ARG C 111 3.02 -5.90 18.55
CA ARG C 111 2.55 -5.96 19.92
C ARG C 111 1.30 -6.83 20.06
N LEU C 112 0.32 -6.62 19.18
CA LEU C 112 -0.94 -7.33 19.34
C LEU C 112 -0.77 -8.79 19.06
N VAL C 113 0.10 -9.13 18.12
CA VAL C 113 0.36 -10.54 17.84
C VAL C 113 0.99 -11.24 19.04
N ARG C 114 1.90 -10.53 19.70
CA ARG C 114 2.49 -11.00 20.93
C ARG C 114 1.43 -11.13 22.03
N GLN C 115 0.60 -10.11 22.23
CA GLN C 115 -0.45 -10.19 23.24
C GLN C 115 -1.41 -11.34 22.91
N GLN C 116 -1.67 -11.54 21.61
CA GLN C 116 -2.58 -12.59 21.16
C GLN C 116 -2.05 -13.99 21.45
N ARG C 117 -0.78 -14.24 21.16
CA ARG C 117 -0.14 -15.50 21.50
C ARG C 117 -0.17 -15.78 23.01
N GLU C 118 0.09 -14.76 23.83
CA GLU C 118 0.13 -14.97 25.27
C GLU C 118 -1.24 -15.30 25.83
N LEU C 119 -2.25 -14.54 25.40
CA LEU C 119 -3.62 -14.81 25.82
C LEU C 119 -4.05 -16.21 25.39
N ALA C 120 -3.59 -16.64 24.21
CA ALA C 120 -3.91 -17.98 23.73
C ALA C 120 -3.28 -19.04 24.61
N GLU C 121 -1.97 -18.94 24.88
CA GLU C 121 -1.28 -19.94 25.72
C GLU C 121 -1.89 -20.03 27.13
N SER C 122 -2.30 -18.90 27.71
CA SER C 122 -2.89 -18.92 29.05
C SER C 122 -4.41 -19.23 29.11
N SER C 123 -5.05 -19.49 27.97
CA SER C 123 -6.50 -19.75 27.92
C SER C 123 -6.83 -21.23 27.74
N GLY C 124 -5.83 -22.10 27.66
CA GLY C 124 -6.08 -23.53 27.42
C GLY C 124 -6.85 -23.77 26.13
N ALA C 125 -7.98 -24.47 26.22
CA ALA C 125 -8.84 -24.70 25.05
C ALA C 125 -9.45 -23.36 24.57
N VAL C 126 -9.14 -22.96 23.33
CA VAL C 126 -9.46 -21.63 22.90
C VAL C 126 -9.77 -21.51 21.41
N VAL C 127 -10.80 -20.74 21.09
CA VAL C 127 -11.10 -20.37 19.73
C VAL C 127 -10.65 -18.92 19.56
N VAL C 128 -9.73 -18.67 18.62
CA VAL C 128 -9.17 -17.34 18.41
C VAL C 128 -9.55 -16.85 17.02
N GLU C 129 -10.27 -15.73 16.96
CA GLU C 129 -10.86 -15.23 15.75
C GLU C 129 -10.08 -14.02 15.18
N GLY C 130 -9.96 -13.95 13.85
CA GLY C 130 -9.40 -12.77 13.20
C GLY C 130 -9.27 -12.87 11.68
N ARG C 131 -8.12 -12.44 11.18
CA ARG C 131 -7.78 -12.54 9.75
C ARG C 131 -6.45 -13.27 9.47
N ASP C 132 -5.48 -13.17 10.37
CA ASP C 132 -4.18 -13.83 10.15
C ASP C 132 -3.86 -14.80 11.28
N ILE C 133 -4.89 -15.32 11.92
CA ILE C 133 -4.65 -16.20 13.05
C ILE C 133 -3.96 -17.49 12.62
N GLY C 134 -4.51 -18.13 11.61
CA GLY C 134 -3.99 -19.42 11.15
C GLY C 134 -2.71 -19.30 10.37
N THR C 135 -2.41 -18.11 9.87
CA THR C 135 -1.22 -17.93 9.03
C THR C 135 -0.07 -17.33 9.84
N VAL C 136 -0.34 -16.29 10.62
CA VAL C 136 0.70 -15.57 11.35
C VAL C 136 0.68 -15.79 12.85
N VAL C 137 -0.45 -15.52 13.50
CA VAL C 137 -0.46 -15.51 14.97
C VAL C 137 -0.27 -16.91 15.58
N LEU C 138 -1.11 -17.86 15.16
CA LEU C 138 -1.04 -19.22 15.70
C LEU C 138 -0.89 -20.23 14.57
N PRO C 139 0.27 -20.26 13.93
CA PRO C 139 0.45 -21.14 12.79
C PRO C 139 0.43 -22.64 13.13
N ASP C 140 0.55 -22.99 14.41
CA ASP C 140 0.47 -24.37 14.84
C ASP C 140 -0.83 -24.64 15.58
N ALA C 141 -1.89 -23.92 15.22
CA ALA C 141 -3.21 -24.23 15.73
C ALA C 141 -3.55 -25.68 15.35
N ASP C 142 -4.41 -26.30 16.15
CA ASP C 142 -4.84 -27.66 15.88
C ASP C 142 -5.78 -27.73 14.69
N VAL C 143 -6.79 -26.86 14.70
CA VAL C 143 -7.75 -26.75 13.61
C VAL C 143 -7.72 -25.30 13.11
N LYS C 144 -7.65 -25.13 11.80
CA LYS C 144 -7.68 -23.80 11.20
C LYS C 144 -8.86 -23.74 10.26
N ILE C 145 -9.70 -22.73 10.43
CA ILE C 145 -10.93 -22.57 9.66
C ILE C 145 -10.96 -21.21 8.94
N TYR C 146 -11.25 -21.23 7.66
CA TYR C 146 -11.38 -20.02 6.89
C TYR C 146 -12.83 -19.86 6.48
N LEU C 147 -13.57 -18.98 7.17
CA LEU C 147 -14.98 -18.75 6.83
C LEU C 147 -15.08 -17.78 5.67
N THR C 148 -15.73 -18.18 4.59
CA THR C 148 -15.86 -17.33 3.43
C THR C 148 -17.29 -17.30 2.89
N ALA C 149 -17.51 -16.43 1.91
CA ALA C 149 -18.82 -16.32 1.25
C ALA C 149 -18.67 -15.52 0.00
N SER C 150 -19.61 -15.69 -0.91
CA SER C 150 -19.59 -14.92 -2.13
C SER C 150 -19.74 -13.42 -1.83
N ALA C 151 -19.36 -12.60 -2.80
CA ALA C 151 -19.56 -11.16 -2.70
C ALA C 151 -21.04 -10.85 -2.55
N GLN C 152 -21.84 -11.61 -3.28
CA GLN C 152 -23.28 -11.39 -3.34
C GLN C 152 -23.87 -11.66 -1.95
N ALA C 153 -23.58 -12.85 -1.41
CA ALA C 153 -24.07 -13.22 -0.10
C ALA C 153 -23.68 -12.15 0.92
N ARG C 154 -22.41 -11.75 0.93
CA ARG C 154 -21.93 -10.77 1.92
C ARG C 154 -22.62 -9.42 1.74
N ALA C 155 -22.82 -9.02 0.47
CA ALA C 155 -23.50 -7.77 0.16
C ALA C 155 -24.92 -7.76 0.69
N GLN C 156 -25.66 -8.86 0.52
CA GLN C 156 -27.04 -8.92 0.95
C GLN C 156 -27.17 -8.76 2.47
N ARG C 157 -26.25 -9.35 3.23
CA ARG C 157 -26.25 -9.22 4.70
C ARG C 157 -25.99 -7.77 5.18
N ARG C 158 -25.39 -6.95 4.30
CA ARG C 158 -25.07 -5.57 4.63
C ARG C 158 -26.25 -4.69 4.18
N ASN C 159 -26.60 -4.70 2.90
CA ASN C 159 -27.65 -3.82 2.38
C ASN C 159 -28.95 -3.97 3.16
N ALA C 160 -29.11 -5.11 3.87
CA ALA C 160 -30.27 -5.36 4.74
C ALA C 160 -30.01 -5.08 6.24
N GLN C 161 -28.76 -5.20 6.67
CA GLN C 161 -28.33 -4.80 8.01
C GLN C 161 -28.37 -3.26 8.13
N ASN C 162 -28.09 -2.56 7.02
CA ASN C 162 -28.18 -1.11 6.97
C ASN C 162 -29.66 -0.71 7.05
N VAL C 163 -30.51 -1.42 6.31
CA VAL C 163 -31.95 -1.15 6.30
C VAL C 163 -32.67 -1.55 7.60
N SER C 164 -31.97 -2.22 8.52
CA SER C 164 -32.57 -2.67 9.79
C SER C 164 -31.58 -2.53 10.94
N GLU C 172 -27.53 -2.42 -4.13
CA GLU C 172 -27.04 -3.01 -5.38
C GLU C 172 -25.64 -2.50 -5.77
N LYS C 173 -25.24 -1.35 -5.23
CA LYS C 173 -23.89 -0.81 -5.45
C LYS C 173 -22.96 -1.32 -4.37
N VAL C 174 -23.51 -1.87 -3.28
CA VAL C 174 -22.66 -2.52 -2.27
C VAL C 174 -21.85 -3.66 -2.91
N LEU C 175 -22.47 -4.41 -3.83
CA LEU C 175 -21.75 -5.48 -4.57
C LEU C 175 -20.54 -4.96 -5.38
N ALA C 176 -20.57 -3.68 -5.73
CA ALA C 176 -19.38 -2.99 -6.28
C ALA C 176 -18.39 -2.63 -5.16
N ASP C 177 -18.89 -1.98 -4.10
CA ASP C 177 -18.11 -1.71 -2.87
C ASP C 177 -17.48 -2.98 -2.32
N VAL C 178 -18.31 -4.00 -2.08
CA VAL C 178 -17.82 -5.27 -1.54
C VAL C 178 -16.80 -5.94 -2.48
N GLN C 179 -17.07 -5.91 -3.78
CA GLN C 179 -16.15 -6.50 -4.76
C GLN C 179 -14.82 -5.74 -4.83
N ARG C 180 -14.86 -4.42 -4.58
CA ARG C 180 -13.63 -3.59 -4.54
C ARG C 180 -12.77 -4.00 -3.35
N ARG C 181 -13.35 -3.96 -2.15
CA ARG C 181 -12.61 -4.29 -0.91
C ARG C 181 -11.93 -5.66 -0.97
N ASP C 182 -12.51 -6.61 -1.71
CA ASP C 182 -11.89 -7.93 -1.91
C ASP C 182 -10.54 -7.86 -2.62
N HIS C 183 -10.44 -6.96 -3.61
CA HIS C 183 -9.20 -6.80 -4.37
C HIS C 183 -8.13 -6.10 -3.57
N LEU C 184 -8.52 -5.07 -2.82
CA LEU C 184 -7.56 -4.31 -2.01
C LEU C 184 -7.03 -5.16 -0.84
N ASP C 185 -7.90 -5.97 -0.23
CA ASP C 185 -7.50 -6.91 0.84
C ASP C 185 -6.53 -7.97 0.35
N SER C 186 -6.77 -8.49 -0.86
CA SER C 186 -5.93 -9.54 -1.44
C SER C 186 -4.51 -9.01 -1.73
N THR C 187 -4.43 -7.74 -2.15
CA THR C 187 -3.16 -7.11 -2.55
C THR C 187 -2.57 -6.14 -1.50
N ARG C 188 -2.99 -6.22 -0.23
CA ARG C 188 -2.47 -5.29 0.81
C ARG C 188 -1.08 -5.72 1.31
N ALA C 189 -0.23 -4.75 1.60
CA ALA C 189 1.18 -4.97 1.90
C ALA C 189 1.45 -5.66 3.24
N VAL C 190 0.93 -5.11 4.34
CA VAL C 190 1.34 -5.51 5.71
C VAL C 190 0.61 -6.74 6.29
N SER C 191 -0.68 -6.84 6.03
CA SER C 191 -1.44 -8.06 6.38
C SER C 191 -2.49 -8.28 5.32
N PRO C 192 -2.10 -8.90 4.18
CA PRO C 192 -3.10 -9.33 3.21
C PRO C 192 -3.94 -10.49 3.77
N LEU C 193 -5.17 -10.63 3.27
CA LEU C 193 -6.09 -11.66 3.74
C LEU C 193 -6.00 -12.90 2.83
N ARG C 194 -5.35 -13.94 3.34
CA ARG C 194 -5.20 -15.21 2.59
C ARG C 194 -5.36 -16.37 3.58
N PRO C 195 -6.01 -17.46 3.16
CA PRO C 195 -6.06 -18.62 4.05
C PRO C 195 -4.72 -19.35 4.18
N ALA C 196 -4.48 -19.98 5.32
CA ALA C 196 -3.31 -20.83 5.48
C ALA C 196 -3.44 -22.03 4.59
N GLU C 197 -2.30 -22.60 4.21
CA GLU C 197 -2.29 -23.75 3.31
C GLU C 197 -3.08 -24.93 3.94
N ASP C 198 -2.98 -25.12 5.26
CA ASP C 198 -3.68 -26.23 5.94
C ASP C 198 -5.04 -25.85 6.55
N ALA C 199 -5.62 -24.74 6.11
CA ALA C 199 -6.93 -24.30 6.63
C ALA C 199 -8.11 -24.99 5.93
N LEU C 200 -9.20 -25.15 6.65
CA LEU C 200 -10.40 -25.75 6.12
C LEU C 200 -11.36 -24.65 5.67
N GLU C 201 -11.51 -24.51 4.36
CA GLU C 201 -12.31 -23.45 3.79
C GLU C 201 -13.78 -23.82 3.81
N VAL C 202 -14.61 -22.96 4.40
CA VAL C 202 -16.05 -23.18 4.50
C VAL C 202 -16.84 -22.02 3.88
N ASP C 203 -17.57 -22.30 2.79
CA ASP C 203 -18.43 -21.34 2.15
C ASP C 203 -19.73 -21.23 2.93
N THR C 204 -20.00 -20.06 3.49
CA THR C 204 -21.18 -19.88 4.35
C THR C 204 -22.34 -19.16 3.64
N SER C 205 -22.18 -18.99 2.33
CA SER C 205 -23.10 -18.23 1.51
C SER C 205 -24.53 -18.64 1.71
N ASP C 206 -24.79 -19.93 1.65
CA ASP C 206 -26.15 -20.45 1.73
C ASP C 206 -26.59 -20.74 3.16
N MET C 207 -25.68 -20.66 4.13
CA MET C 207 -25.92 -21.23 5.47
C MET C 207 -26.37 -20.19 6.48
N THR C 208 -27.19 -20.63 7.44
CA THR C 208 -27.50 -19.86 8.64
C THR C 208 -26.40 -20.08 9.68
N GLN C 209 -26.42 -19.31 10.77
CA GLN C 209 -25.37 -19.38 11.79
C GLN C 209 -25.32 -20.78 12.44
N GLU C 210 -26.46 -21.32 12.86
CA GLU C 210 -26.45 -22.64 13.50
C GLU C 210 -25.94 -23.73 12.55
N GLN C 211 -26.28 -23.61 11.27
CA GLN C 211 -25.75 -24.52 10.27
C GLN C 211 -24.23 -24.40 10.23
N VAL C 212 -23.70 -23.18 10.24
CA VAL C 212 -22.25 -23.02 10.21
C VAL C 212 -21.64 -23.62 11.47
N VAL C 213 -22.26 -23.36 12.62
CA VAL C 213 -21.71 -23.87 13.87
C VAL C 213 -21.59 -25.37 13.76
N ALA C 214 -22.68 -26.04 13.37
CA ALA C 214 -22.69 -27.53 13.28
C ALA C 214 -21.59 -28.01 12.38
N HIS C 215 -21.37 -27.26 11.31
CA HIS C 215 -20.36 -27.61 10.37
C HIS C 215 -18.97 -27.57 11.01
N LEU C 216 -18.69 -26.53 11.77
CA LEU C 216 -17.36 -26.40 12.36
C LEU C 216 -17.17 -27.42 13.49
N LEU C 217 -18.21 -27.65 14.29
CA LEU C 217 -18.16 -28.75 15.25
C LEU C 217 -17.78 -30.08 14.58
N ASP C 218 -18.27 -30.32 13.37
CA ASP C 218 -17.97 -31.54 12.67
C ASP C 218 -16.50 -31.56 12.27
N LEU C 219 -16.02 -30.47 11.72
CA LEU C 219 -14.64 -30.41 11.28
C LEU C 219 -13.70 -30.56 12.48
N VAL C 220 -14.03 -29.91 13.58
CA VAL C 220 -13.17 -29.96 14.75
C VAL C 220 -13.19 -31.36 15.34
N ARG C 221 -14.36 -31.96 15.41
CA ARG C 221 -14.47 -33.31 15.97
C ARG C 221 -14.01 -34.41 14.99
N THR C 222 -13.36 -34.02 13.90
CA THR C 222 -12.67 -34.94 12.98
C THR C 222 -11.15 -34.66 12.90
N ARG C 223 -10.66 -33.60 13.53
CA ARG C 223 -9.22 -33.26 13.47
C ARG C 223 -8.76 -32.33 14.61
N SER D 4 -13.05 43.16 -3.88
CA SER D 4 -11.86 43.88 -4.42
C SER D 4 -10.53 43.32 -3.86
N MET D 5 -10.20 43.64 -2.60
CA MET D 5 -8.94 43.19 -1.96
C MET D 5 -9.01 41.75 -1.41
N VAL D 6 -8.07 40.94 -1.86
CA VAL D 6 -8.03 39.54 -1.49
C VAL D 6 -6.70 39.34 -0.80
N VAL D 7 -6.79 38.94 0.47
CA VAL D 7 -5.62 38.67 1.28
C VAL D 7 -5.57 37.19 1.59
N ALA D 8 -4.49 36.53 1.14
CA ALA D 8 -4.24 35.12 1.43
C ALA D 8 -3.32 34.99 2.64
N VAL D 9 -3.70 34.19 3.63
CA VAL D 9 -2.85 33.98 4.81
C VAL D 9 -2.53 32.51 5.00
N ASP D 10 -1.28 32.14 4.75
CA ASP D 10 -0.83 30.76 4.82
C ASP D 10 0.24 30.55 5.88
N GLY D 11 0.49 29.30 6.24
CA GLY D 11 1.56 28.97 7.17
C GLY D 11 1.29 27.68 7.90
N PRO D 12 2.27 27.22 8.70
CA PRO D 12 2.08 25.99 9.41
C PRO D 12 1.22 26.24 10.63
N SER D 13 0.97 25.18 11.36
CA SER D 13 0.14 25.23 12.52
C SER D 13 0.93 25.65 13.77
N GLY D 14 0.21 26.11 14.78
CA GLY D 14 0.80 26.50 16.06
C GLY D 14 1.32 27.93 16.18
N THR D 15 1.05 28.78 15.20
CA THR D 15 1.39 30.20 15.27
C THR D 15 0.23 31.14 15.65
N GLY D 16 -0.98 30.59 15.81
CA GLY D 16 -2.16 31.43 16.02
C GLY D 16 -2.75 32.00 14.73
N LYS D 17 -2.31 31.45 13.59
CA LYS D 17 -2.78 31.88 12.26
C LYS D 17 -4.28 32.16 12.17
N SER D 18 -5.10 31.23 12.63
CA SER D 18 -6.55 31.41 12.51
C SER D 18 -7.12 32.61 13.28
N SER D 19 -6.68 32.80 14.52
CA SER D 19 -7.12 33.95 15.29
C SER D 19 -6.68 35.26 14.64
N VAL D 20 -5.44 35.28 14.15
CA VAL D 20 -4.89 36.45 13.51
C VAL D 20 -5.68 36.79 12.24
N ALA D 21 -5.98 35.79 11.42
CA ALA D 21 -6.74 36.02 10.18
C ALA D 21 -8.15 36.51 10.44
N LYS D 22 -8.85 35.89 11.39
CA LYS D 22 -10.15 36.42 11.85
C LYS D 22 -10.07 37.90 12.20
N GLU D 23 -9.10 38.25 13.05
CA GLU D 23 -9.08 39.60 13.58
C GLU D 23 -8.61 40.60 12.52
N LEU D 24 -7.69 40.19 11.67
CA LEU D 24 -7.33 40.96 10.48
C LEU D 24 -8.58 41.26 9.62
N ALA D 25 -9.44 40.27 9.42
CA ALA D 25 -10.67 40.47 8.64
C ALA D 25 -11.56 41.54 9.27
N ARG D 26 -11.83 41.38 10.56
CA ARG D 26 -12.61 42.39 11.29
C ARG D 26 -12.07 43.81 11.12
N GLN D 27 -10.75 43.95 11.27
CA GLN D 27 -10.14 45.27 11.20
C GLN D 27 -10.14 45.84 9.79
N LEU D 28 -10.05 45.00 8.77
CA LEU D 28 -10.14 45.49 7.39
C LEU D 28 -11.60 45.66 6.94
N GLY D 29 -12.54 45.41 7.85
CA GLY D 29 -13.95 45.25 7.47
C GLY D 29 -14.18 44.23 6.38
N ALA D 30 -13.32 43.21 6.29
CA ALA D 30 -13.36 42.21 5.22
C ALA D 30 -14.07 40.96 5.65
N SER D 31 -14.27 40.05 4.71
CA SER D 31 -14.84 38.73 4.97
CA SER D 31 -14.83 38.74 4.98
C SER D 31 -13.73 37.78 5.32
N TYR D 32 -14.10 36.64 5.89
CA TYR D 32 -13.14 35.64 6.36
C TYR D 32 -13.51 34.23 5.92
N LEU D 33 -12.53 33.52 5.43
CA LEU D 33 -12.75 32.15 5.01
C LEU D 33 -11.72 31.18 5.64
N ASP D 34 -12.21 30.29 6.50
CA ASP D 34 -11.37 29.31 7.20
C ASP D 34 -11.35 28.00 6.40
N THR D 35 -10.34 27.82 5.56
CA THR D 35 -10.32 26.70 4.62
C THR D 35 -10.05 25.38 5.35
N GLY D 36 -9.26 25.42 6.43
CA GLY D 36 -9.01 24.21 7.20
C GLY D 36 -10.32 23.64 7.75
N ALA D 37 -11.26 24.51 8.05
CA ALA D 37 -12.53 24.03 8.55
C ALA D 37 -13.19 23.22 7.45
N MET D 38 -12.99 23.63 6.19
CA MET D 38 -13.70 22.93 5.12
C MET D 38 -13.20 21.50 5.01
N TYR D 39 -11.88 21.34 5.08
CA TYR D 39 -11.24 20.02 5.09
C TYR D 39 -11.69 19.22 6.29
N ARG D 40 -11.85 19.88 7.43
CA ARG D 40 -12.33 19.20 8.63
C ARG D 40 -13.77 18.72 8.47
N ILE D 41 -14.61 19.51 7.80
CA ILE D 41 -16.02 19.14 7.62
C ILE D 41 -16.11 17.91 6.74
N VAL D 42 -15.36 17.89 5.64
CA VAL D 42 -15.35 16.72 4.77
C VAL D 42 -14.84 15.50 5.57
N THR D 43 -13.86 15.74 6.43
CA THR D 43 -13.28 14.66 7.17
C THR D 43 -14.31 14.05 8.11
N LEU D 44 -15.07 14.92 8.79
CA LEU D 44 -16.14 14.46 9.66
C LEU D 44 -17.13 13.59 8.89
N TRP D 45 -17.48 14.05 7.70
CA TRP D 45 -18.40 13.34 6.80
C TRP D 45 -17.88 11.98 6.48
N VAL D 46 -16.62 11.92 6.09
CA VAL D 46 -16.00 10.62 5.78
C VAL D 46 -16.00 9.68 7.01
N LEU D 47 -15.53 10.19 8.15
CA LEU D 47 -15.47 9.39 9.36
C LEU D 47 -16.80 8.79 9.69
N ARG D 48 -17.87 9.58 9.59
CA ARG D 48 -19.21 9.11 9.96
C ARG D 48 -19.74 8.07 9.00
N ALA D 49 -19.28 8.11 7.75
CA ALA D 49 -19.69 7.12 6.73
C ALA D 49 -18.85 5.86 6.90
N GLY D 50 -17.78 5.94 7.66
CA GLY D 50 -17.05 4.73 8.04
C GLY D 50 -16.18 4.25 6.93
N VAL D 51 -15.81 5.17 6.05
CA VAL D 51 -14.97 4.88 4.89
C VAL D 51 -13.56 4.59 5.36
N ASP D 52 -12.96 3.59 4.73
CA ASP D 52 -11.59 3.18 5.06
C ASP D 52 -10.63 4.30 4.65
N LEU D 53 -9.97 4.88 5.63
CA LEU D 53 -9.09 6.03 5.39
C LEU D 53 -7.80 5.67 4.61
N THR D 54 -7.46 4.39 4.51
CA THR D 54 -6.29 3.97 3.74
C THR D 54 -6.62 3.83 2.24
N ASP D 55 -7.86 4.15 1.86
CA ASP D 55 -8.35 3.91 0.48
C ASP D 55 -8.82 5.23 -0.19
N PRO D 56 -7.92 5.88 -0.92
CA PRO D 56 -8.22 7.14 -1.57
C PRO D 56 -9.41 7.07 -2.49
N ALA D 57 -9.53 6.00 -3.27
CA ALA D 57 -10.68 5.88 -4.19
C ALA D 57 -11.97 5.88 -3.39
N ALA D 58 -11.96 5.27 -2.19
CA ALA D 58 -13.20 5.18 -1.41
C ALA D 58 -13.56 6.54 -0.86
N ILE D 59 -12.52 7.31 -0.48
CA ILE D 59 -12.68 8.64 0.07
C ILE D 59 -13.21 9.55 -1.05
N ALA D 60 -12.63 9.45 -2.23
CA ALA D 60 -13.14 10.19 -3.39
C ALA D 60 -14.61 9.85 -3.68
N ALA D 61 -14.95 8.58 -3.73
CA ALA D 61 -16.34 8.17 -3.99
C ALA D 61 -17.26 8.70 -2.91
N ALA D 62 -16.85 8.62 -1.65
CA ALA D 62 -17.74 9.04 -0.56
C ALA D 62 -17.84 10.56 -0.36
N THR D 63 -17.12 11.35 -1.15
CA THR D 63 -17.13 12.82 -1.00
C THR D 63 -17.58 13.57 -2.26
N ASP D 64 -18.25 12.87 -3.17
CA ASP D 64 -18.84 13.45 -4.35
C ASP D 64 -19.85 14.57 -4.08
N GLN D 65 -20.63 14.44 -3.01
CA GLN D 65 -21.74 15.32 -2.74
C GLN D 65 -21.80 15.63 -1.24
N VAL D 66 -20.77 16.28 -0.73
CA VAL D 66 -20.73 16.70 0.68
C VAL D 66 -21.63 17.92 0.92
N PRO D 67 -22.72 17.76 1.70
CA PRO D 67 -23.63 18.85 2.01
C PRO D 67 -23.08 19.83 3.06
N MET D 68 -22.23 20.72 2.60
CA MET D 68 -21.45 21.60 3.46
C MET D 68 -21.88 23.05 3.31
N SER D 69 -21.87 23.80 4.41
CA SER D 69 -22.08 25.23 4.39
C SER D 69 -21.17 25.88 5.40
N VAL D 70 -20.55 26.98 5.02
CA VAL D 70 -19.68 27.73 5.96
C VAL D 70 -19.89 29.21 5.70
N SER D 71 -19.82 30.00 6.76
CA SER D 71 -19.96 31.44 6.65
C SER D 71 -18.63 32.14 6.31
N SER D 72 -18.72 33.30 5.69
CA SER D 72 -17.57 34.16 5.42
C SER D 72 -17.57 35.40 6.32
N ASP D 73 -18.45 35.41 7.30
CA ASP D 73 -18.52 36.47 8.27
C ASP D 73 -17.66 36.08 9.48
N PRO D 74 -16.61 36.86 9.75
CA PRO D 74 -15.67 36.49 10.83
C PRO D 74 -16.27 36.49 12.22
N ASP D 75 -17.40 37.17 12.37
CA ASP D 75 -18.12 37.20 13.62
C ASP D 75 -19.17 36.12 13.75
N ALA D 76 -19.47 35.42 12.66
CA ALA D 76 -20.53 34.40 12.66
C ALA D 76 -20.09 33.09 11.96
N GLN D 77 -18.93 32.58 12.36
CA GLN D 77 -18.43 31.33 11.83
C GLN D 77 -19.23 30.15 12.38
N THR D 78 -19.81 29.36 11.47
CA THR D 78 -20.46 28.12 11.83
C THR D 78 -20.11 27.13 10.74
N ALA D 79 -20.16 25.86 11.10
CA ALA D 79 -19.81 24.80 10.21
C ALA D 79 -21.03 23.92 10.20
N LEU D 80 -21.73 23.93 9.08
CA LEU D 80 -22.93 23.13 8.94
C LEU D 80 -22.68 21.97 7.95
N LEU D 81 -23.16 20.79 8.32
CA LEU D 81 -23.10 19.60 7.46
C LEU D 81 -24.49 18.96 7.48
N ALA D 82 -25.12 18.83 6.32
CA ALA D 82 -26.49 18.31 6.22
C ALA D 82 -27.43 19.07 7.18
N GLY D 83 -27.23 20.38 7.30
CA GLY D 83 -28.03 21.20 8.23
C GLY D 83 -27.61 21.17 9.72
N GLU D 84 -26.73 20.25 10.10
CA GLU D 84 -26.32 20.06 11.48
C GLU D 84 -25.14 20.95 11.81
N ASP D 85 -25.23 21.63 12.96
CA ASP D 85 -24.10 22.43 13.44
C ASP D 85 -22.99 21.50 13.95
N VAL D 86 -21.87 21.43 13.25
CA VAL D 86 -20.79 20.52 13.60
C VAL D 86 -19.54 21.27 14.02
N SER D 87 -19.71 22.50 14.49
CA SER D 87 -18.60 23.35 14.98
C SER D 87 -17.75 22.69 16.06
N VAL D 88 -18.39 21.95 16.95
CA VAL D 88 -17.69 21.26 18.02
C VAL D 88 -16.97 20.00 17.48
N PRO D 89 -17.71 19.01 16.97
CA PRO D 89 -17.03 17.82 16.49
C PRO D 89 -15.90 18.01 15.47
N ILE D 90 -15.99 19.01 14.57
CA ILE D 90 -14.91 19.21 13.57
C ILE D 90 -13.60 19.70 14.19
N ARG D 91 -13.63 20.11 15.45
CA ARG D 91 -12.43 20.46 16.19
C ARG D 91 -11.90 19.36 17.12
N GLY D 92 -12.63 18.25 17.22
CA GLY D 92 -12.18 17.15 18.07
C GLY D 92 -10.98 16.38 17.55
N ASN D 93 -10.36 15.62 18.44
CA ASN D 93 -9.15 14.89 18.09
C ASN D 93 -9.37 13.86 16.99
N GLU D 94 -10.55 13.25 16.95
CA GLU D 94 -10.83 12.25 15.95
C GLU D 94 -10.62 12.87 14.59
N VAL D 95 -11.24 14.01 14.36
CA VAL D 95 -11.13 14.67 13.07
C VAL D 95 -9.71 15.20 12.86
N THR D 96 -9.09 15.70 13.93
CA THR D 96 -7.73 16.21 13.81
C THR D 96 -6.81 15.10 13.37
N GLY D 97 -6.94 13.90 13.97
CA GLY D 97 -6.18 12.77 13.51
C GLY D 97 -6.44 12.32 12.08
N ALA D 98 -7.66 12.49 11.60
CA ALA D 98 -8.06 11.93 10.29
C ALA D 98 -7.91 12.91 9.13
N VAL D 99 -7.88 14.21 9.43
CA VAL D 99 -8.01 15.24 8.39
C VAL D 99 -6.93 15.19 7.31
N SER D 100 -5.72 14.83 7.68
CA SER D 100 -4.64 14.73 6.70
C SER D 100 -4.78 13.56 5.73
N ALA D 101 -5.43 12.48 6.15
CA ALA D 101 -5.67 11.38 5.22
C ALA D 101 -6.56 11.91 4.12
N VAL D 102 -7.61 12.61 4.51
CA VAL D 102 -8.63 13.05 3.57
C VAL D 102 -8.10 14.23 2.72
N SER D 103 -7.37 15.14 3.35
CA SER D 103 -6.77 16.24 2.64
C SER D 103 -5.79 15.87 1.54
N ALA D 104 -5.17 14.71 1.66
CA ALA D 104 -4.15 14.30 0.70
C ALA D 104 -4.78 13.75 -0.59
N VAL D 105 -6.07 13.47 -0.58
CA VAL D 105 -6.72 12.90 -1.75
C VAL D 105 -6.97 14.03 -2.75
N PRO D 106 -6.37 13.93 -3.94
CA PRO D 106 -6.49 14.96 -4.97
C PRO D 106 -7.93 15.29 -5.32
N ALA D 107 -8.77 14.28 -5.48
CA ALA D 107 -10.15 14.55 -5.80
C ALA D 107 -10.81 15.49 -4.78
N VAL D 108 -10.47 15.31 -3.52
CA VAL D 108 -11.03 16.12 -2.43
C VAL D 108 -10.55 17.54 -2.53
N ARG D 109 -9.27 17.72 -2.72
CA ARG D 109 -8.71 19.09 -2.88
C ARG D 109 -9.34 19.83 -4.08
N GLU D 110 -9.46 19.11 -5.18
CA GLU D 110 -9.95 19.69 -6.41
C GLU D 110 -11.28 20.38 -6.17
N ARG D 111 -12.17 19.70 -5.45
CA ARG D 111 -13.48 20.27 -5.14
C ARG D 111 -13.39 21.46 -4.18
N LEU D 112 -12.63 21.31 -3.10
CA LEU D 112 -12.62 22.38 -2.09
C LEU D 112 -11.94 23.61 -2.63
N VAL D 113 -10.92 23.43 -3.47
CA VAL D 113 -10.26 24.58 -4.09
C VAL D 113 -11.24 25.35 -4.97
N ARG D 114 -12.05 24.61 -5.71
CA ARG D 114 -13.09 25.22 -6.51
C ARG D 114 -14.10 25.94 -5.62
N GLN D 115 -14.58 25.28 -4.58
CA GLN D 115 -15.52 25.92 -3.69
C GLN D 115 -14.89 27.16 -3.06
N GLN D 116 -13.60 27.07 -2.76
CA GLN D 116 -12.90 28.17 -2.12
C GLN D 116 -12.78 29.37 -3.04
N ARG D 117 -12.42 29.13 -4.29
CA ARG D 117 -12.38 30.21 -5.28
C ARG D 117 -13.73 30.90 -5.44
N GLU D 118 -14.81 30.14 -5.48
CA GLU D 118 -16.13 30.72 -5.72
C GLU D 118 -16.57 31.57 -4.53
N LEU D 119 -16.39 31.05 -3.33
CA LEU D 119 -16.71 31.81 -2.14
C LEU D 119 -15.88 33.09 -2.06
N ALA D 120 -14.62 33.00 -2.51
CA ALA D 120 -13.72 34.14 -2.53
C ALA D 120 -14.22 35.21 -3.50
N GLU D 121 -14.53 34.83 -4.73
CA GLU D 121 -15.05 35.76 -5.75
C GLU D 121 -16.30 36.48 -5.27
N SER D 122 -17.20 35.75 -4.62
CA SER D 122 -18.48 36.36 -4.21
C SER D 122 -18.44 37.10 -2.86
N SER D 123 -17.27 37.16 -2.20
CA SER D 123 -17.16 37.77 -0.87
C SER D 123 -16.56 39.17 -0.92
N GLY D 124 -16.22 39.66 -2.11
CA GLY D 124 -15.59 40.99 -2.22
C GLY D 124 -14.27 41.07 -1.44
N ALA D 125 -14.14 42.05 -0.54
CA ALA D 125 -12.94 42.15 0.32
C ALA D 125 -12.88 40.96 1.28
N VAL D 126 -11.84 40.15 1.18
CA VAL D 126 -11.81 38.87 1.85
C VAL D 126 -10.41 38.45 2.28
N VAL D 127 -10.31 37.92 3.51
CA VAL D 127 -9.11 37.27 3.99
C VAL D 127 -9.38 35.77 3.96
N VAL D 128 -8.56 35.03 3.21
CA VAL D 128 -8.75 33.60 3.05
C VAL D 128 -7.57 32.89 3.66
N GLU D 129 -7.83 32.06 4.66
CA GLU D 129 -6.80 31.43 5.44
C GLU D 129 -6.59 29.95 5.09
N GLY D 130 -5.34 29.49 5.08
CA GLY D 130 -5.05 28.06 4.91
C GLY D 130 -3.56 27.73 4.83
N ARG D 131 -3.20 26.89 3.85
CA ARG D 131 -1.82 26.49 3.62
C ARG D 131 -1.36 26.69 2.18
N ASP D 132 -2.28 26.55 1.21
CA ASP D 132 -1.92 26.72 -0.20
C ASP D 132 -2.74 27.82 -0.85
N ILE D 133 -3.21 28.77 -0.06
CA ILE D 133 -4.04 29.81 -0.61
C ILE D 133 -3.24 30.69 -1.60
N GLY D 134 -2.07 31.18 -1.17
CA GLY D 134 -1.26 32.06 -2.00
C GLY D 134 -0.55 31.36 -3.14
N THR D 135 -0.43 30.04 -3.07
CA THR D 135 0.30 29.28 -4.09
C THR D 135 -0.65 28.63 -5.09
N VAL D 136 -1.72 28.00 -4.60
CA VAL D 136 -2.62 27.24 -5.46
C VAL D 136 -4.01 27.85 -5.58
N VAL D 137 -4.68 28.13 -4.48
CA VAL D 137 -6.08 28.54 -4.58
C VAL D 137 -6.28 29.93 -5.17
N LEU D 138 -5.61 30.94 -4.61
CA LEU D 138 -5.74 32.31 -5.08
C LEU D 138 -4.37 32.89 -5.44
N PRO D 139 -3.77 32.42 -6.54
CA PRO D 139 -2.39 32.84 -6.86
C PRO D 139 -2.28 34.30 -7.30
N ASP D 140 -3.42 34.94 -7.60
CA ASP D 140 -3.44 36.35 -7.92
C ASP D 140 -4.03 37.20 -6.80
N ALA D 141 -3.89 36.74 -5.56
CA ALA D 141 -4.29 37.55 -4.42
C ALA D 141 -3.52 38.85 -4.45
N ASP D 142 -4.08 39.88 -3.84
CA ASP D 142 -3.44 41.19 -3.78
C ASP D 142 -2.28 41.17 -2.80
N VAL D 143 -2.53 40.64 -1.61
CA VAL D 143 -1.52 40.50 -0.60
C VAL D 143 -1.44 39.04 -0.21
N LYS D 144 -0.24 38.51 -0.16
CA LYS D 144 -0.03 37.14 0.27
C LYS D 144 0.87 37.20 1.48
N ILE D 145 0.44 36.55 2.56
CA ILE D 145 1.16 36.54 3.83
C ILE D 145 1.45 35.12 4.31
N TYR D 146 2.72 34.86 4.64
CA TYR D 146 3.10 33.56 5.11
C TYR D 146 3.53 33.71 6.55
N LEU D 147 2.66 33.30 7.49
CA LEU D 147 2.96 33.39 8.91
C LEU D 147 3.79 32.19 9.33
N THR D 148 4.96 32.46 9.88
CA THR D 148 5.86 31.38 10.28
C THR D 148 6.44 31.64 11.66
N ALA D 149 7.15 30.65 12.16
CA ALA D 149 7.76 30.75 13.48
C ALA D 149 8.72 29.61 13.63
N SER D 150 9.68 29.78 14.52
CA SER D 150 10.66 28.74 14.75
C SER D 150 9.99 27.48 15.27
N ALA D 151 10.68 26.37 15.14
CA ALA D 151 10.22 25.12 15.70
C ALA D 151 10.03 25.28 17.21
N GLN D 152 10.97 25.99 17.83
CA GLN D 152 11.02 26.12 19.27
C GLN D 152 9.78 26.87 19.71
N ALA D 153 9.54 28.01 19.09
CA ALA D 153 8.37 28.82 19.41
C ALA D 153 7.12 28.00 19.28
N ARG D 154 6.98 27.31 18.17
CA ARG D 154 5.76 26.51 17.93
C ARG D 154 5.62 25.37 18.94
N ALA D 155 6.75 24.74 19.28
CA ALA D 155 6.76 23.66 20.27
C ALA D 155 6.29 24.14 21.65
N GLN D 156 6.77 25.30 22.09
CA GLN D 156 6.37 25.79 23.41
C GLN D 156 4.86 26.04 23.46
N ARG D 157 4.27 26.52 22.35
CA ARG D 157 2.82 26.49 22.23
C ARG D 157 2.38 25.08 21.82
N VAL D 178 7.65 17.62 15.91
CA VAL D 178 7.59 19.06 15.52
C VAL D 178 8.59 19.41 14.40
N GLN D 179 9.89 19.19 14.65
CA GLN D 179 10.91 19.29 13.59
C GLN D 179 10.70 18.19 12.54
N ARG D 180 10.12 17.05 12.94
CA ARG D 180 9.82 15.97 12.01
C ARG D 180 8.71 16.42 11.06
N ARG D 181 7.57 16.85 11.62
CA ARG D 181 6.39 17.26 10.81
C ARG D 181 6.73 18.35 9.79
N ASP D 182 7.71 19.20 10.09
CA ASP D 182 8.19 20.20 9.13
C ASP D 182 8.76 19.57 7.85
N HIS D 183 9.48 18.47 8.01
CA HIS D 183 10.12 17.81 6.88
C HIS D 183 9.13 17.07 6.01
N LEU D 184 8.17 16.37 6.64
CA LEU D 184 7.17 15.62 5.89
C LEU D 184 6.23 16.57 5.12
N ASP D 185 5.88 17.70 5.75
CA ASP D 185 5.07 18.76 5.10
C ASP D 185 5.77 19.39 3.91
N SER D 186 7.08 19.62 4.07
CA SER D 186 7.90 20.24 3.03
C SER D 186 8.02 19.33 1.80
N THR D 187 8.06 18.01 2.01
CA THR D 187 8.29 17.05 0.92
C THR D 187 7.05 16.29 0.49
N ARG D 188 5.86 16.75 0.85
CA ARG D 188 4.65 16.01 0.46
C ARG D 188 4.40 16.25 -1.04
N ALA D 189 4.14 15.17 -1.79
CA ALA D 189 3.89 15.25 -3.22
C ALA D 189 2.63 16.07 -3.57
N VAL D 190 1.49 15.74 -2.93
CA VAL D 190 0.19 16.46 -3.03
C VAL D 190 0.07 17.55 -1.96
N SER D 191 -0.03 18.79 -2.43
CA SER D 191 0.03 20.00 -1.61
C SER D 191 1.10 20.03 -0.49
N PRO D 192 2.37 20.22 -0.89
CA PRO D 192 3.40 20.60 0.09
C PRO D 192 3.18 22.02 0.62
N LEU D 193 3.70 22.30 1.81
CA LEU D 193 3.60 23.61 2.43
C LEU D 193 4.84 24.46 2.06
N ARG D 194 4.66 25.40 1.15
CA ARG D 194 5.73 26.29 0.70
C ARG D 194 5.11 27.68 0.43
N PRO D 195 5.85 28.76 0.76
CA PRO D 195 5.30 30.08 0.48
C PRO D 195 5.36 30.39 -1.01
N ALA D 196 4.43 31.22 -1.50
CA ALA D 196 4.51 31.72 -2.88
C ALA D 196 5.73 32.61 -3.01
N GLU D 197 6.24 32.73 -4.24
CA GLU D 197 7.41 33.57 -4.50
C GLU D 197 7.15 35.03 -4.06
N ASP D 198 5.94 35.53 -4.29
CA ASP D 198 5.59 36.94 -3.98
C ASP D 198 4.95 37.14 -2.60
N ALA D 199 5.09 36.15 -1.73
CA ALA D 199 4.52 36.22 -0.38
C ALA D 199 5.41 37.00 0.58
N LEU D 200 4.78 37.61 1.57
CA LEU D 200 5.49 38.35 2.61
C LEU D 200 5.62 37.45 3.83
N GLU D 201 6.83 36.98 4.07
CA GLU D 201 7.10 36.06 5.19
C GLU D 201 7.23 36.85 6.48
N VAL D 202 6.44 36.49 7.49
CA VAL D 202 6.41 37.17 8.78
C VAL D 202 6.74 36.17 9.89
N ASP D 203 7.89 36.37 10.54
CA ASP D 203 8.30 35.53 11.65
C ASP D 203 7.58 36.00 12.89
N THR D 204 6.71 35.15 13.44
CA THR D 204 5.88 35.53 14.57
C THR D 204 6.44 35.02 15.90
N SER D 205 7.65 34.46 15.85
CA SER D 205 8.30 33.83 17.02
C SER D 205 8.27 34.73 18.25
N ASP D 206 8.68 35.98 18.09
CA ASP D 206 8.78 36.93 19.20
C ASP D 206 7.49 37.70 19.47
N MET D 207 6.47 37.55 18.61
CA MET D 207 5.29 38.42 18.66
C MET D 207 4.08 37.75 19.31
N THR D 208 3.23 38.54 19.94
CA THR D 208 1.88 38.10 20.35
C THR D 208 0.92 38.27 19.20
N GLN D 209 -0.32 37.78 19.36
CA GLN D 209 -1.34 37.84 18.31
C GLN D 209 -1.65 39.28 17.93
N GLU D 210 -1.93 40.14 18.92
CA GLU D 210 -2.26 41.55 18.57
C GLU D 210 -1.10 42.27 17.87
N GLN D 211 0.13 41.94 18.26
CA GLN D 211 1.29 42.49 17.57
C GLN D 211 1.27 42.03 16.13
N VAL D 212 1.02 40.75 15.89
CA VAL D 212 0.97 40.30 14.51
C VAL D 212 -0.16 40.98 13.75
N VAL D 213 -1.33 41.10 14.37
CA VAL D 213 -2.43 41.77 13.68
C VAL D 213 -1.97 43.15 13.22
N ALA D 214 -1.45 43.96 14.16
CA ALA D 214 -1.02 45.33 13.82
C ALA D 214 -0.05 45.31 12.66
N HIS D 215 0.82 44.31 12.67
CA HIS D 215 1.83 44.22 11.65
C HIS D 215 1.19 44.03 10.31
N LEU D 216 0.21 43.13 10.22
CA LEU D 216 -0.39 42.82 8.93
C LEU D 216 -1.24 44.00 8.45
N LEU D 217 -1.97 44.64 9.36
CA LEU D 217 -2.65 45.88 9.00
C LEU D 217 -1.72 46.89 8.36
N ASP D 218 -0.50 47.00 8.88
CA ASP D 218 0.45 47.93 8.34
C ASP D 218 0.89 47.50 6.92
N LEU D 219 1.22 46.22 6.75
CA LEU D 219 1.62 45.73 5.45
C LEU D 219 0.49 45.89 4.43
N VAL D 220 -0.73 45.57 4.82
CA VAL D 220 -1.85 45.67 3.89
C VAL D 220 -2.14 47.11 3.55
N ARG D 221 -2.08 47.99 4.53
CA ARG D 221 -2.32 49.40 4.28
C ARG D 221 -1.12 50.12 3.62
N THR D 222 -0.12 49.35 3.17
CA THR D 222 0.98 49.83 2.33
C THR D 222 1.01 49.12 0.95
N ARG D 223 0.18 48.09 0.76
CA ARG D 223 0.30 47.19 -0.42
C ARG D 223 -0.92 46.30 -0.63
#